data_5XZ3
#
_entry.id   5XZ3
#
_cell.length_a   67.898
_cell.length_b   68.607
_cell.length_c   71.699
_cell.angle_alpha   90.00
_cell.angle_beta   94.92
_cell.angle_gamma   90.00
#
_symmetry.space_group_name_H-M   'P 1 21 1'
#
loop_
_entity.id
_entity.type
_entity.pdbx_description
1 polymer 'Peptidoglycan-recognition protein'
2 non-polymer 'SULFATE ION'
3 water water
#
_entity_poly.entity_id   1
_entity_poly.type   'polypeptide(L)'
_entity_poly.pdbx_seq_one_letter_code
;MEFDENCSEIIKRNEWTNVQAKNINYLIIPIPYVIIHHTVSLECNSKDTCISNIENIRSYHMDTLNWHDIGYSFLIGGDG
NIYEGCGWNHEGAHTYGYNKKSISIAFIGNFQNKSASNKMLNAAHKLILCGKSKGILREDVRVIGGKQVIATLSPGFELY
KQIQNWPEWVSTP
;
_entity_poly.pdbx_strand_id   A,B,C,D
#
loop_
_chem_comp.id
_chem_comp.type
_chem_comp.name
_chem_comp.formula
SO4 non-polymer 'SULFATE ION' 'O4 S -2'
#
# COMPACT_ATOMS: atom_id res chain seq x y z
N MET A 1 -15.90 -21.50 24.37
CA MET A 1 -14.66 -22.35 24.45
C MET A 1 -14.00 -22.46 23.07
N GLU A 2 -12.90 -23.20 22.96
CA GLU A 2 -12.03 -23.25 21.77
C GLU A 2 -12.69 -23.74 20.48
N PHE A 3 -13.69 -24.62 20.59
CA PHE A 3 -14.49 -25.04 19.42
C PHE A 3 -15.24 -23.86 18.79
N ASP A 4 -15.58 -22.87 19.61
CA ASP A 4 -16.19 -21.63 19.16
C ASP A 4 -15.19 -20.47 19.02
N GLU A 5 -14.06 -20.56 19.73
CA GLU A 5 -13.14 -19.43 19.92
C GLU A 5 -11.74 -19.58 19.27
N ASN A 6 -11.52 -20.70 18.60
CA ASN A 6 -10.25 -20.94 17.91
C ASN A 6 -10.45 -21.02 16.40
N CYS A 7 -9.72 -20.17 15.69
CA CYS A 7 -9.80 -20.11 14.24
C CYS A 7 -8.52 -20.59 13.53
N SER A 8 -8.03 -21.79 13.89
CA SER A 8 -6.97 -22.50 13.13
C SER A 8 -7.42 -22.80 11.70
N GLU A 9 -8.74 -22.80 11.53
CA GLU A 9 -9.48 -22.97 10.28
C GLU A 9 -9.26 -21.89 9.21
N ILE A 10 -8.77 -20.72 9.62
CA ILE A 10 -8.47 -19.61 8.70
C ILE A 10 -7.50 -20.09 7.60
N ILE A 11 -7.90 -19.91 6.36
CA ILE A 11 -7.04 -20.21 5.21
C ILE A 11 -6.04 -19.06 5.09
N LYS A 12 -4.76 -19.34 5.35
CA LYS A 12 -3.72 -18.29 5.37
C LYS A 12 -3.43 -17.76 3.97
N ARG A 13 -2.91 -16.54 3.93
CA ARG A 13 -2.58 -15.85 2.69
C ARG A 13 -1.81 -16.73 1.67
N ASN A 14 -0.75 -17.40 2.12
CA ASN A 14 0.07 -18.24 1.22
C ASN A 14 -0.65 -19.48 0.66
N GLU A 15 -1.83 -19.79 1.20
CA GLU A 15 -2.65 -20.87 0.66
C GLU A 15 -3.45 -20.43 -0.56
N TRP A 16 -3.62 -19.12 -0.74
CA TRP A 16 -4.36 -18.62 -1.91
C TRP A 16 -3.56 -17.74 -2.87
N THR A 17 -2.37 -17.30 -2.49
CA THR A 17 -1.51 -16.46 -3.37
C THR A 17 -0.02 -16.65 -3.06
N ASN A 18 0.84 -16.28 -4.01
CA ASN A 18 2.29 -16.22 -3.77
C ASN A 18 2.79 -14.77 -3.69
N VAL A 19 1.86 -13.83 -3.84
CA VAL A 19 2.18 -12.40 -3.84
C VAL A 19 2.02 -11.78 -2.44
N GLN A 20 3.14 -11.35 -1.87
CA GLN A 20 3.17 -10.68 -0.57
C GLN A 20 2.67 -9.25 -0.71
N ALA A 21 2.26 -8.64 0.41
CA ALA A 21 2.00 -7.21 0.46
C ALA A 21 3.23 -6.43 -0.01
N LYS A 22 3.00 -5.31 -0.72
CA LYS A 22 4.08 -4.40 -1.13
C LYS A 22 4.57 -3.53 0.03
N ASN A 23 3.67 -3.24 0.98
CA ASN A 23 3.99 -2.41 2.15
C ASN A 23 3.10 -2.82 3.32
N ILE A 24 3.66 -2.79 4.53
CA ILE A 24 2.90 -3.14 5.72
C ILE A 24 3.01 -2.02 6.74
N ASN A 25 1.87 -1.62 7.30
CA ASN A 25 1.86 -0.87 8.55
C ASN A 25 1.02 -1.65 9.53
N TYR A 26 1.44 -1.65 10.80
CA TYR A 26 0.81 -2.46 11.82
C TYR A 26 -0.31 -1.73 12.56
N LEU A 27 -1.43 -2.43 12.72
CA LEU A 27 -2.54 -1.97 13.56
C LEU A 27 -2.16 -1.96 15.03
N ILE A 28 -2.56 -0.90 15.75
CA ILE A 28 -2.59 -0.92 17.21
C ILE A 28 -3.48 -2.10 17.64
N ILE A 29 -2.97 -2.90 18.57
CA ILE A 29 -3.70 -4.03 19.14
C ILE A 29 -3.73 -3.81 20.65
N PRO A 30 -4.92 -3.91 21.29
CA PRO A 30 -6.20 -4.40 20.74
C PRO A 30 -6.98 -3.45 19.82
N ILE A 31 -7.71 -4.04 18.89
CA ILE A 31 -8.47 -3.30 17.87
C ILE A 31 -9.91 -3.00 18.36
N PRO A 32 -10.37 -1.73 18.23
CA PRO A 32 -11.70 -1.35 18.76
C PRO A 32 -12.92 -1.66 17.89
N TYR A 33 -12.73 -1.82 16.58
CA TYR A 33 -13.87 -2.01 15.64
C TYR A 33 -13.68 -3.20 14.71
N VAL A 34 -14.80 -3.84 14.34
CA VAL A 34 -14.85 -4.77 13.21
C VAL A 34 -15.85 -4.18 12.20
N ILE A 35 -15.44 -4.03 10.94
CA ILE A 35 -16.35 -3.49 9.91
C ILE A 35 -16.81 -4.65 9.00
N ILE A 36 -18.12 -4.82 8.85
CA ILE A 36 -18.62 -5.88 7.98
C ILE A 36 -18.89 -5.27 6.61
N HIS A 37 -18.33 -5.90 5.58
CA HIS A 37 -18.54 -5.48 4.19
C HIS A 37 -19.04 -6.65 3.36
N HIS A 38 -19.58 -6.33 2.18
CA HIS A 38 -19.71 -7.33 1.11
C HIS A 38 -18.77 -6.92 -0.03
N THR A 39 -18.35 -7.87 -0.86
CA THR A 39 -17.33 -7.57 -1.88
C THR A 39 -17.94 -7.09 -3.20
N VAL A 40 -19.24 -7.29 -3.37
CA VAL A 40 -19.96 -7.02 -4.63
C VAL A 40 -19.24 -7.73 -5.81
N SER A 41 -18.64 -8.87 -5.51
CA SER A 41 -17.90 -9.61 -6.51
C SER A 41 -18.62 -10.93 -6.70
N LEU A 42 -18.17 -11.72 -7.68
CA LEU A 42 -18.76 -13.02 -7.93
C LEU A 42 -18.66 -13.91 -6.71
N GLU A 43 -19.79 -14.52 -6.36
CA GLU A 43 -19.87 -15.51 -5.30
C GLU A 43 -19.04 -16.75 -5.60
N CYS A 44 -18.66 -17.44 -4.53
CA CYS A 44 -17.94 -18.70 -4.65
C CYS A 44 -18.56 -19.72 -3.71
N ASN A 45 -18.57 -20.98 -4.12
CA ASN A 45 -19.24 -22.00 -3.33
C ASN A 45 -18.33 -23.19 -2.96
N SER A 46 -17.05 -23.09 -3.29
CA SER A 46 -16.06 -24.13 -3.00
C SER A 46 -14.71 -23.48 -2.73
N LYS A 47 -13.84 -24.20 -2.04
CA LYS A 47 -12.52 -23.70 -1.68
C LYS A 47 -11.74 -23.27 -2.92
N ASP A 48 -11.72 -24.13 -3.94
CA ASP A 48 -11.07 -23.84 -5.21
C ASP A 48 -11.56 -22.57 -5.90
N THR A 49 -12.87 -22.37 -5.95
CA THR A 49 -13.43 -21.18 -6.58
C THR A 49 -13.25 -19.94 -5.70
N CYS A 50 -13.31 -20.13 -4.38
CA CYS A 50 -13.03 -19.00 -3.47
C CYS A 50 -11.58 -18.56 -3.58
N ILE A 51 -10.66 -19.52 -3.72
CA ILE A 51 -9.23 -19.17 -3.88
C ILE A 51 -8.99 -18.28 -5.11
N SER A 52 -9.61 -18.68 -6.23
CA SER A 52 -9.51 -17.95 -7.51
C SER A 52 -10.09 -16.55 -7.43
N ASN A 53 -11.24 -16.46 -6.80
CA ASN A 53 -11.97 -15.20 -6.66
C ASN A 53 -11.17 -14.20 -5.85
N ILE A 54 -10.64 -14.67 -4.72
CA ILE A 54 -9.84 -13.83 -3.81
C ILE A 54 -8.51 -13.40 -4.45
N GLU A 55 -7.88 -14.32 -5.19
CA GLU A 55 -6.68 -13.97 -5.95
C GLU A 55 -7.01 -12.82 -6.93
N ASN A 56 -8.18 -12.89 -7.57
CA ASN A 56 -8.58 -11.83 -8.52
C ASN A 56 -8.86 -10.49 -7.83
N ILE A 57 -9.48 -10.52 -6.64
CA ILE A 57 -9.63 -9.32 -5.81
C ILE A 57 -8.26 -8.73 -5.49
N ARG A 58 -7.33 -9.56 -5.02
CA ARG A 58 -5.96 -9.11 -4.69
C ARG A 58 -5.28 -8.44 -5.87
N SER A 59 -5.32 -9.12 -7.01
CA SER A 59 -4.73 -8.64 -8.27
C SER A 59 -5.32 -7.28 -8.69
N TYR A 60 -6.65 -7.18 -8.63
CA TYR A 60 -7.35 -5.93 -8.83
C TYR A 60 -6.90 -4.80 -7.87
N HIS A 61 -6.92 -5.05 -6.56
CA HIS A 61 -6.41 -4.04 -5.60
C HIS A 61 -4.95 -3.66 -5.78
N MET A 62 -4.09 -4.66 -5.84
CA MET A 62 -2.63 -4.42 -5.86
C MET A 62 -2.08 -3.96 -7.20
N ASP A 63 -2.54 -4.57 -8.30
CA ASP A 63 -2.01 -4.28 -9.63
C ASP A 63 -2.78 -3.20 -10.38
N THR A 64 -4.10 -3.31 -10.36
CA THR A 64 -4.93 -2.33 -11.06
C THR A 64 -5.04 -1.02 -10.30
N LEU A 65 -5.29 -1.09 -8.99
CA LEU A 65 -5.51 0.13 -8.21
C LEU A 65 -4.23 0.64 -7.54
N ASN A 66 -3.14 -0.13 -7.68
CA ASN A 66 -1.82 0.14 -7.07
C ASN A 66 -1.87 0.30 -5.56
N TRP A 67 -2.71 -0.51 -4.90
CA TRP A 67 -2.77 -0.49 -3.45
C TRP A 67 -1.67 -1.39 -2.90
N HIS A 68 -1.34 -1.20 -1.62
CA HIS A 68 -0.26 -1.90 -0.95
C HIS A 68 -0.54 -3.41 -0.78
N ASP A 69 -1.81 -3.78 -0.78
CA ASP A 69 -2.26 -5.13 -0.38
C ASP A 69 -3.71 -5.32 -0.83
N ILE A 70 -4.22 -6.55 -0.75
CA ILE A 70 -5.67 -6.76 -0.78
C ILE A 70 -6.25 -5.94 0.39
N GLY A 71 -7.35 -5.25 0.12
CA GLY A 71 -7.86 -4.23 1.04
C GLY A 71 -8.59 -4.76 2.26
N TYR A 72 -9.08 -6.01 2.18
CA TYR A 72 -9.88 -6.59 3.25
C TYR A 72 -9.07 -7.41 4.25
N SER A 73 -9.40 -7.33 5.54
CA SER A 73 -8.63 -8.08 6.56
C SER A 73 -8.87 -9.57 6.46
N PHE A 74 -10.15 -9.95 6.38
CA PHE A 74 -10.59 -11.32 6.17
C PHE A 74 -11.73 -11.38 5.18
N LEU A 75 -11.85 -12.51 4.47
CA LEU A 75 -12.96 -12.70 3.53
C LEU A 75 -13.69 -13.99 3.90
N ILE A 76 -14.99 -14.01 3.70
CA ILE A 76 -15.84 -15.16 4.00
C ILE A 76 -16.37 -15.68 2.65
N GLY A 77 -16.05 -16.91 2.31
CA GLY A 77 -16.54 -17.53 1.07
C GLY A 77 -17.86 -18.24 1.31
N GLY A 78 -18.62 -18.46 0.24
CA GLY A 78 -19.88 -19.23 0.31
C GLY A 78 -19.64 -20.68 0.67
N ASP A 79 -18.38 -21.11 0.62
CA ASP A 79 -17.97 -22.41 1.14
C ASP A 79 -18.01 -22.48 2.67
N GLY A 80 -18.19 -21.33 3.31
CA GLY A 80 -18.18 -21.23 4.77
C GLY A 80 -16.78 -21.15 5.34
N ASN A 81 -15.80 -20.91 4.48
CA ASN A 81 -14.40 -20.78 4.93
C ASN A 81 -14.03 -19.32 5.18
N ILE A 82 -13.06 -19.12 6.07
CA ILE A 82 -12.49 -17.80 6.35
C ILE A 82 -11.12 -17.73 5.66
N TYR A 83 -10.92 -16.69 4.86
CA TYR A 83 -9.66 -16.45 4.15
C TYR A 83 -8.97 -15.21 4.70
N GLU A 84 -7.68 -15.36 5.01
CA GLU A 84 -6.86 -14.25 5.44
C GLU A 84 -6.55 -13.34 4.25
N GLY A 85 -6.92 -12.06 4.39
CA GLY A 85 -6.56 -11.04 3.40
C GLY A 85 -5.31 -10.36 3.94
N CYS A 86 -5.46 -9.11 4.40
CA CYS A 86 -4.34 -8.48 5.08
C CYS A 86 -4.19 -8.91 6.56
N GLY A 87 -5.15 -9.68 7.07
CA GLY A 87 -5.03 -10.35 8.37
C GLY A 87 -5.28 -9.47 9.58
N TRP A 88 -4.98 -10.02 10.77
CA TRP A 88 -5.23 -9.34 12.04
C TRP A 88 -4.30 -8.13 12.26
N ASN A 89 -3.08 -8.20 11.71
CA ASN A 89 -2.02 -7.28 12.12
C ASN A 89 -1.70 -6.12 11.18
N HIS A 90 -2.18 -6.19 9.94
CA HIS A 90 -1.78 -5.20 8.93
C HIS A 90 -2.93 -4.27 8.61
N GLU A 91 -2.65 -2.95 8.56
CA GLU A 91 -3.68 -1.96 8.21
C GLU A 91 -4.20 -2.23 6.80
N GLY A 92 -5.53 -2.31 6.67
CA GLY A 92 -6.20 -2.56 5.39
C GLY A 92 -6.55 -1.30 4.63
N ALA A 93 -7.40 -1.46 3.61
CA ALA A 93 -7.89 -0.34 2.78
C ALA A 93 -9.31 -0.71 2.40
N HIS A 94 -10.22 -0.49 3.34
CA HIS A 94 -11.59 -0.93 3.22
C HIS A 94 -12.60 0.11 3.68
N THR A 95 -12.26 0.93 4.68
CA THR A 95 -13.24 1.85 5.31
C THR A 95 -12.61 3.22 5.63
N TYR A 96 -12.94 4.25 4.85
CA TYR A 96 -12.41 5.61 5.08
C TYR A 96 -12.58 6.05 6.53
N GLY A 97 -11.46 6.47 7.13
CA GLY A 97 -11.45 6.96 8.51
C GLY A 97 -11.31 5.86 9.56
N TYR A 98 -11.39 4.60 9.13
CA TYR A 98 -11.39 3.46 10.09
C TYR A 98 -10.28 2.43 9.88
N ASN A 99 -9.50 2.58 8.80
CA ASN A 99 -8.50 1.57 8.44
C ASN A 99 -7.44 1.31 9.53
N LYS A 100 -7.18 2.32 10.38
CA LYS A 100 -6.17 2.18 11.41
C LYS A 100 -6.72 1.66 12.73
N LYS A 101 -8.03 1.52 12.82
CA LYS A 101 -8.67 1.16 14.09
C LYS A 101 -9.72 0.06 13.96
N SER A 102 -9.58 -0.76 12.91
CA SER A 102 -10.55 -1.83 12.64
C SER A 102 -9.92 -2.93 11.81
N ILE A 103 -10.54 -4.10 11.83
CA ILE A 103 -10.36 -5.07 10.76
C ILE A 103 -11.67 -5.06 9.96
N SER A 104 -11.61 -5.52 8.72
CA SER A 104 -12.82 -5.73 7.97
C SER A 104 -13.07 -7.20 7.72
N ILE A 105 -14.35 -7.59 7.70
CA ILE A 105 -14.73 -8.95 7.34
C ILE A 105 -15.63 -8.80 6.12
N ALA A 106 -15.14 -9.31 4.98
CA ALA A 106 -15.84 -9.11 3.73
C ALA A 106 -16.48 -10.42 3.30
N PHE A 107 -17.81 -10.41 3.22
CA PHE A 107 -18.58 -11.54 2.71
C PHE A 107 -18.51 -11.47 1.18
N ILE A 108 -18.05 -12.55 0.56
CA ILE A 108 -17.86 -12.58 -0.89
C ILE A 108 -19.24 -12.73 -1.55
N GLY A 109 -19.67 -11.69 -2.24
CA GLY A 109 -20.95 -11.72 -2.93
C GLY A 109 -21.61 -10.38 -2.83
N ASN A 110 -22.87 -10.34 -3.22
CA ASN A 110 -23.70 -9.15 -3.13
C ASN A 110 -24.88 -9.54 -2.26
N PHE A 111 -24.94 -8.94 -1.08
CA PHE A 111 -26.00 -9.25 -0.09
C PHE A 111 -27.00 -8.11 0.15
N GLN A 112 -27.18 -7.26 -0.86
CA GLN A 112 -28.22 -6.22 -0.85
C GLN A 112 -29.63 -6.80 -0.87
N ASN A 113 -29.82 -7.80 -1.73
CA ASN A 113 -31.14 -8.38 -1.97
C ASN A 113 -31.28 -9.86 -1.63
N LYS A 114 -30.26 -10.42 -0.99
CA LYS A 114 -30.33 -11.78 -0.48
C LYS A 114 -29.47 -11.97 0.75
N SER A 115 -29.94 -12.83 1.63
CA SER A 115 -29.24 -13.17 2.89
C SER A 115 -27.98 -13.95 2.59
N ALA A 116 -27.02 -13.84 3.50
CA ALA A 116 -25.86 -14.73 3.49
C ALA A 116 -26.34 -16.02 4.13
N SER A 117 -25.75 -17.15 3.72
CA SER A 117 -26.05 -18.45 4.29
C SER A 117 -25.65 -18.50 5.77
N ASN A 118 -26.29 -19.43 6.50
CA ASN A 118 -25.93 -19.74 7.88
C ASN A 118 -24.44 -20.01 8.09
N LYS A 119 -23.85 -20.81 7.21
CA LYS A 119 -22.42 -21.12 7.31
C LYS A 119 -21.50 -19.90 7.16
N MET A 120 -21.88 -18.95 6.29
CA MET A 120 -21.13 -17.68 6.16
C MET A 120 -21.22 -16.81 7.43
N LEU A 121 -22.44 -16.56 7.92
CA LEU A 121 -22.63 -15.79 9.16
C LEU A 121 -21.93 -16.42 10.35
N ASN A 122 -22.06 -17.74 10.48
CA ASN A 122 -21.43 -18.47 11.60
C ASN A 122 -19.91 -18.38 11.54
N ALA A 123 -19.31 -18.49 10.35
CA ALA A 123 -17.86 -18.26 10.15
C ALA A 123 -17.39 -16.86 10.57
N ALA A 124 -18.10 -15.83 10.12
CA ALA A 124 -17.74 -14.44 10.48
C ALA A 124 -17.90 -14.21 11.98
N HIS A 125 -18.96 -14.76 12.57
CA HIS A 125 -19.16 -14.57 14.01
C HIS A 125 -18.10 -15.30 14.85
N LYS A 126 -17.72 -16.49 14.39
CA LYS A 126 -16.63 -17.24 15.05
C LYS A 126 -15.31 -16.49 14.94
N LEU A 127 -15.09 -15.81 13.82
CA LEU A 127 -13.87 -15.04 13.63
C LEU A 127 -13.78 -13.91 14.65
N ILE A 128 -14.91 -13.27 14.92
CA ILE A 128 -14.98 -12.18 15.89
C ILE A 128 -14.64 -12.70 17.30
N LEU A 129 -15.27 -13.80 17.67
CA LEU A 129 -14.98 -14.45 18.96
C LEU A 129 -13.51 -14.87 19.10
N CYS A 130 -12.93 -15.45 18.05
CA CYS A 130 -11.50 -15.76 18.00
C CYS A 130 -10.61 -14.56 18.29
N GLY A 131 -10.88 -13.45 17.59
CA GLY A 131 -10.16 -12.20 17.82
C GLY A 131 -10.25 -11.69 19.25
N LYS A 132 -11.44 -11.76 19.84
CA LYS A 132 -11.64 -11.39 21.24
C LYS A 132 -10.86 -12.35 22.14
N SER A 133 -10.98 -13.65 21.86
CA SER A 133 -10.33 -14.69 22.67
C SER A 133 -8.82 -14.53 22.72
N LYS A 134 -8.23 -14.11 21.61
CA LYS A 134 -6.78 -13.92 21.49
C LYS A 134 -6.25 -12.58 21.99
N GLY A 135 -7.15 -11.68 22.39
CA GLY A 135 -6.77 -10.32 22.79
C GLY A 135 -6.48 -9.41 21.60
N ILE A 136 -6.72 -9.90 20.38
CA ILE A 136 -6.51 -9.09 19.15
C ILE A 136 -7.56 -7.98 19.04
N LEU A 137 -8.82 -8.37 19.24
CA LEU A 137 -9.92 -7.43 19.32
C LEU A 137 -10.15 -7.06 20.75
N ARG A 138 -10.51 -5.79 20.98
CA ARG A 138 -10.89 -5.36 22.32
C ARG A 138 -11.99 -6.25 22.90
N GLU A 139 -11.96 -6.46 24.22
CA GLU A 139 -13.04 -7.14 24.92
C GLU A 139 -14.42 -6.51 24.64
N ASP A 140 -14.45 -5.20 24.45
CA ASP A 140 -15.70 -4.49 24.13
C ASP A 140 -15.71 -4.03 22.65
N VAL A 141 -15.21 -4.91 21.76
CA VAL A 141 -15.11 -4.61 20.32
C VAL A 141 -16.50 -4.29 19.76
N ARG A 142 -16.54 -3.29 18.88
CA ARG A 142 -17.78 -2.79 18.31
C ARG A 142 -17.87 -3.25 16.84
N VAL A 143 -18.93 -3.99 16.53
CA VAL A 143 -19.12 -4.51 15.19
C VAL A 143 -20.13 -3.62 14.51
N ILE A 144 -19.78 -3.14 13.33
CA ILE A 144 -20.66 -2.25 12.56
C ILE A 144 -20.63 -2.63 11.10
N GLY A 145 -21.68 -2.26 10.36
CA GLY A 145 -21.63 -2.45 8.90
C GLY A 145 -20.95 -1.21 8.33
N GLY A 146 -20.29 -1.36 7.18
CA GLY A 146 -19.68 -0.23 6.48
C GLY A 146 -20.61 0.98 6.34
N LYS A 147 -21.89 0.71 6.05
CA LYS A 147 -22.88 1.77 5.85
C LYS A 147 -23.12 2.67 7.07
N GLN A 148 -22.74 2.21 8.26
CA GLN A 148 -22.84 3.00 9.48
C GLN A 148 -21.78 4.09 9.60
N VAL A 149 -20.69 3.99 8.83
CA VAL A 149 -19.60 4.97 8.92
C VAL A 149 -19.12 5.63 7.61
N ILE A 150 -19.41 5.04 6.46
CA ILE A 150 -19.09 5.66 5.15
C ILE A 150 -20.29 5.66 4.21
N ALA A 151 -20.19 6.41 3.11
CA ALA A 151 -21.26 6.53 2.11
C ALA A 151 -21.27 5.29 1.24
N THR A 152 -22.00 4.27 1.68
CA THR A 152 -22.05 2.95 1.04
C THR A 152 -23.33 2.23 1.47
N LEU A 153 -23.77 1.25 0.68
CA LEU A 153 -24.81 0.35 1.11
C LEU A 153 -24.23 -0.95 1.67
N SER A 154 -22.91 -1.12 1.54
CA SER A 154 -22.20 -2.31 2.07
C SER A 154 -22.52 -2.45 3.58
N PRO A 155 -22.76 -3.69 4.10
CA PRO A 155 -22.58 -5.02 3.54
C PRO A 155 -23.82 -5.53 2.81
N GLY A 156 -24.69 -4.61 2.38
CA GLY A 156 -25.96 -4.96 1.76
C GLY A 156 -27.04 -5.09 2.83
N PHE A 157 -28.25 -4.66 2.48
CA PHE A 157 -29.35 -4.56 3.45
C PHE A 157 -29.70 -5.91 4.09
N GLU A 158 -29.72 -6.97 3.30
CA GLU A 158 -30.14 -8.27 3.81
C GLU A 158 -29.12 -8.79 4.82
N LEU A 159 -27.84 -8.75 4.45
CA LEU A 159 -26.75 -9.13 5.36
C LEU A 159 -26.67 -8.24 6.59
N TYR A 160 -26.85 -6.94 6.38
CA TYR A 160 -26.90 -5.99 7.49
C TYR A 160 -27.90 -6.37 8.58
N LYS A 161 -29.13 -6.69 8.18
CA LYS A 161 -30.14 -7.13 9.15
C LYS A 161 -29.71 -8.39 9.88
N GLN A 162 -28.95 -9.25 9.21
CA GLN A 162 -28.44 -10.48 9.84
C GLN A 162 -27.40 -10.19 10.91
N ILE A 163 -26.49 -9.25 10.64
CA ILE A 163 -25.42 -8.95 11.62
C ILE A 163 -26.02 -8.20 12.81
N GLN A 164 -27.16 -7.53 12.59
CA GLN A 164 -27.87 -6.87 13.71
C GLN A 164 -28.34 -7.85 14.81
N ASN A 165 -28.41 -9.14 14.49
CA ASN A 165 -28.71 -10.16 15.51
C ASN A 165 -27.54 -10.45 16.44
N TRP A 166 -26.34 -10.04 16.03
CA TRP A 166 -25.15 -10.33 16.81
C TRP A 166 -25.08 -9.43 18.03
N PRO A 167 -24.77 -10.01 19.20
CA PRO A 167 -24.69 -9.19 20.42
C PRO A 167 -23.59 -8.12 20.38
N GLU A 168 -22.57 -8.33 19.54
CA GLU A 168 -21.44 -7.39 19.43
C GLU A 168 -21.78 -6.22 18.47
N TRP A 169 -22.87 -6.35 17.71
CA TRP A 169 -23.31 -5.27 16.82
C TRP A 169 -23.76 -4.05 17.64
N VAL A 170 -23.34 -2.85 17.21
CA VAL A 170 -23.73 -1.59 17.85
C VAL A 170 -24.48 -0.71 16.85
N SER A 171 -25.57 -0.10 17.32
CA SER A 171 -26.39 0.81 16.48
C SER A 171 -25.67 2.11 16.17
N THR A 172 -24.71 2.45 17.01
CA THR A 172 -23.88 3.63 16.80
C THR A 172 -22.37 3.38 17.07
N PRO A 173 -21.51 3.70 16.09
CA PRO A 173 -20.07 3.47 16.18
C PRO A 173 -19.45 4.14 17.40
N ASN B 6 10.81 0.25 5.10
CA ASN B 6 10.57 -1.20 4.81
C ASN B 6 11.82 -2.03 5.06
N CYS B 7 11.62 -3.24 5.59
CA CYS B 7 12.66 -4.26 5.68
C CYS B 7 12.29 -5.47 4.82
N SER B 8 12.23 -5.25 3.51
CA SER B 8 12.23 -6.35 2.55
C SER B 8 13.52 -7.15 2.78
N GLU B 9 13.54 -8.36 2.24
CA GLU B 9 14.70 -9.27 2.42
C GLU B 9 14.87 -9.83 3.85
N ILE B 10 13.96 -9.51 4.78
CA ILE B 10 13.78 -10.39 5.96
C ILE B 10 13.39 -11.73 5.38
N ILE B 11 14.12 -12.79 5.79
CA ILE B 11 13.84 -14.13 5.30
C ILE B 11 12.71 -14.66 6.16
N LYS B 12 11.55 -14.86 5.54
CA LYS B 12 10.33 -15.19 6.27
C LYS B 12 10.41 -16.64 6.76
N ARG B 13 9.67 -16.94 7.83
CA ARG B 13 9.68 -18.28 8.41
C ARG B 13 9.37 -19.37 7.38
N ASN B 14 8.40 -19.10 6.51
CA ASN B 14 8.01 -19.96 5.37
C ASN B 14 9.12 -20.24 4.38
N GLU B 15 10.15 -19.38 4.35
CA GLU B 15 11.29 -19.56 3.45
C GLU B 15 12.40 -20.47 4.01
N TRP B 16 12.47 -20.66 5.34
CA TRP B 16 13.49 -21.54 5.91
C TRP B 16 12.96 -22.83 6.57
N THR B 17 11.64 -22.95 6.72
CA THR B 17 10.99 -24.15 7.29
C THR B 17 9.56 -24.25 6.80
N ASN B 18 9.07 -25.49 6.68
CA ASN B 18 7.64 -25.72 6.44
C ASN B 18 6.89 -26.20 7.71
N VAL B 19 7.59 -26.21 8.85
CA VAL B 19 7.00 -26.53 10.15
C VAL B 19 6.44 -25.27 10.80
N GLN B 20 5.11 -25.19 10.83
CA GLN B 20 4.37 -24.09 11.39
C GLN B 20 4.30 -24.19 12.92
N ALA B 21 4.04 -23.05 13.57
CA ALA B 21 3.81 -22.98 15.02
C ALA B 21 2.60 -23.82 15.42
N LYS B 22 2.61 -24.39 16.63
CA LYS B 22 1.50 -25.24 17.09
C LYS B 22 0.29 -24.41 17.48
N ASN B 23 0.57 -23.19 17.95
CA ASN B 23 -0.46 -22.22 18.31
C ASN B 23 0.23 -20.86 18.37
N ILE B 24 -0.59 -19.82 18.50
CA ILE B 24 -0.11 -18.46 18.43
C ILE B 24 -0.68 -17.65 19.59
N ASN B 25 0.21 -17.00 20.31
CA ASN B 25 -0.17 -15.97 21.26
C ASN B 25 0.21 -14.63 20.60
N TYR B 26 -0.72 -13.69 20.57
CA TYR B 26 -0.53 -12.40 19.90
C TYR B 26 -0.07 -11.33 20.84
N LEU B 27 0.93 -10.56 20.41
CA LEU B 27 1.42 -9.41 21.17
C LEU B 27 0.54 -8.19 21.05
N ILE B 28 0.43 -7.44 22.15
CA ILE B 28 -0.04 -6.05 22.14
C ILE B 28 0.92 -5.18 21.30
N ILE B 29 0.33 -4.33 20.46
CA ILE B 29 1.05 -3.47 19.51
C ILE B 29 0.60 -2.02 19.78
N PRO B 30 1.56 -1.04 19.83
CA PRO B 30 3.01 -1.22 19.62
C PRO B 30 3.75 -1.80 20.82
N ILE B 31 4.95 -2.33 20.54
CA ILE B 31 5.74 -3.09 21.50
C ILE B 31 6.77 -2.14 22.14
N PRO B 32 6.85 -2.13 23.50
CA PRO B 32 7.74 -1.18 24.18
C PRO B 32 9.22 -1.57 24.33
N TYR B 33 9.57 -2.85 24.19
CA TYR B 33 10.95 -3.35 24.38
C TYR B 33 11.47 -4.23 23.24
N VAL B 34 12.78 -4.14 23.01
CA VAL B 34 13.49 -5.11 22.17
C VAL B 34 14.58 -5.67 23.07
N ILE B 35 14.62 -7.00 23.19
CA ILE B 35 15.64 -7.67 23.98
C ILE B 35 16.67 -8.30 23.04
N ILE B 36 17.95 -7.98 23.26
CA ILE B 36 19.04 -8.56 22.47
C ILE B 36 19.61 -9.79 23.18
N HIS B 37 19.66 -10.91 22.44
CA HIS B 37 20.21 -12.18 22.89
C HIS B 37 21.28 -12.65 21.93
N HIS B 38 22.09 -13.59 22.39
CA HIS B 38 22.87 -14.42 21.49
C HIS B 38 22.36 -15.87 21.59
N THR B 39 22.62 -16.69 20.57
CA THR B 39 22.02 -18.04 20.55
C THR B 39 22.88 -19.08 21.28
N VAL B 40 24.14 -18.73 21.57
CA VAL B 40 25.16 -19.67 22.12
C VAL B 40 25.27 -20.92 21.20
N SER B 41 25.11 -20.70 19.90
CA SER B 41 25.25 -21.77 18.90
C SER B 41 26.37 -21.37 17.93
N LEU B 42 26.68 -22.20 16.93
CA LEU B 42 27.72 -21.86 15.96
C LEU B 42 27.37 -20.62 15.15
N GLU B 43 28.38 -19.84 14.77
CA GLU B 43 28.18 -18.73 13.83
C GLU B 43 27.96 -19.31 12.44
N CYS B 44 27.33 -18.54 11.57
CA CYS B 44 27.07 -18.96 10.19
C CYS B 44 27.49 -17.85 9.25
N ASN B 45 27.76 -18.20 7.98
CA ASN B 45 28.33 -17.25 7.01
C ASN B 45 27.57 -17.12 5.69
N SER B 46 26.42 -17.80 5.56
CA SER B 46 25.73 -17.92 4.27
C SER B 46 24.28 -18.28 4.50
N LYS B 47 23.43 -18.08 3.49
CA LYS B 47 22.02 -18.46 3.63
C LYS B 47 21.91 -19.93 4.01
N ASP B 48 22.68 -20.79 3.30
CA ASP B 48 22.65 -22.24 3.54
C ASP B 48 22.99 -22.61 4.97
N THR B 49 24.09 -22.07 5.49
CA THR B 49 24.55 -22.40 6.83
C THR B 49 23.62 -21.79 7.90
N CYS B 50 23.13 -20.59 7.64
CA CYS B 50 22.26 -19.89 8.61
C CYS B 50 20.90 -20.60 8.73
N ILE B 51 20.33 -20.99 7.59
CA ILE B 51 19.10 -21.79 7.57
C ILE B 51 19.26 -23.10 8.34
N SER B 52 20.35 -23.83 8.12
CA SER B 52 20.61 -25.07 8.89
C SER B 52 20.69 -24.82 10.39
N ASN B 53 21.40 -23.77 10.78
CA ASN B 53 21.53 -23.38 12.20
C ASN B 53 20.18 -23.09 12.83
N ILE B 54 19.37 -22.29 12.14
CA ILE B 54 18.05 -21.85 12.63
C ILE B 54 17.06 -23.01 12.69
N GLU B 55 17.11 -23.88 11.67
CA GLU B 55 16.28 -25.09 11.69
C GLU B 55 16.65 -25.99 12.90
N ASN B 56 17.92 -26.07 13.22
CA ASN B 56 18.39 -26.83 14.39
C ASN B 56 17.87 -26.21 15.70
N ILE B 57 17.88 -24.87 15.80
CA ILE B 57 17.28 -24.15 16.95
C ILE B 57 15.76 -24.40 17.01
N ARG B 58 15.07 -24.28 15.88
CA ARG B 58 13.61 -24.52 15.84
C ARG B 58 13.28 -25.94 16.33
N SER B 59 14.00 -26.92 15.79
CA SER B 59 13.82 -28.31 16.14
C SER B 59 14.10 -28.53 17.62
N TYR B 60 15.16 -27.90 18.15
CA TYR B 60 15.44 -27.95 19.57
C TYR B 60 14.26 -27.42 20.41
N HIS B 61 13.75 -26.22 20.08
CA HIS B 61 12.61 -25.64 20.81
C HIS B 61 11.31 -26.44 20.67
N MET B 62 10.94 -26.78 19.43
CA MET B 62 9.65 -27.44 19.17
C MET B 62 9.64 -28.95 19.40
N ASP B 63 10.76 -29.61 19.11
CA ASP B 63 10.81 -31.08 19.23
C ASP B 63 11.36 -31.49 20.55
N THR B 64 12.59 -31.07 20.84
CA THR B 64 13.28 -31.47 22.07
C THR B 64 12.58 -30.87 23.31
N LEU B 65 12.23 -29.58 23.25
CA LEU B 65 11.61 -28.91 24.40
C LEU B 65 10.08 -28.94 24.35
N ASN B 66 9.52 -29.39 23.23
CA ASN B 66 8.07 -29.41 23.01
C ASN B 66 7.39 -28.02 23.10
N TRP B 67 8.14 -26.95 22.82
CA TRP B 67 7.53 -25.61 22.72
C TRP B 67 6.65 -25.51 21.48
N HIS B 68 5.65 -24.63 21.54
CA HIS B 68 4.72 -24.46 20.43
C HIS B 68 5.31 -23.75 19.20
N ASP B 69 6.46 -23.10 19.38
CA ASP B 69 7.10 -22.33 18.30
C ASP B 69 8.55 -22.12 18.67
N ILE B 70 9.34 -21.65 17.71
CA ILE B 70 10.70 -21.17 17.99
C ILE B 70 10.57 -19.97 18.96
N GLY B 71 11.51 -19.83 19.88
CA GLY B 71 11.41 -18.87 20.99
C GLY B 71 11.83 -17.45 20.64
N TYR B 72 12.62 -17.29 19.57
CA TYR B 72 13.15 -15.96 19.19
C TYR B 72 12.29 -15.31 18.13
N SER B 73 12.09 -13.99 18.24
CA SER B 73 11.28 -13.23 17.27
C SER B 73 11.99 -13.13 15.93
N PHE B 74 13.26 -12.72 15.98
CA PHE B 74 14.13 -12.65 14.79
C PHE B 74 15.52 -13.17 15.11
N LEU B 75 16.19 -13.72 14.11
CA LEU B 75 17.59 -14.12 14.27
C LEU B 75 18.47 -13.38 13.26
N ILE B 76 19.70 -13.06 13.66
CA ILE B 76 20.62 -12.32 12.77
C ILE B 76 21.71 -13.31 12.41
N GLY B 77 21.91 -13.54 11.12
CA GLY B 77 23.00 -14.41 10.68
C GLY B 77 24.29 -13.64 10.40
N GLY B 78 25.42 -14.34 10.47
CA GLY B 78 26.71 -13.74 10.10
C GLY B 78 26.83 -13.40 8.62
N ASP B 79 25.86 -13.84 7.82
CA ASP B 79 25.70 -13.40 6.41
C ASP B 79 25.07 -12.00 6.30
N GLY B 80 24.77 -11.37 7.43
CA GLY B 80 24.06 -10.10 7.50
C GLY B 80 22.59 -10.17 7.15
N ASN B 81 22.02 -11.38 7.09
CA ASN B 81 20.58 -11.54 6.84
C ASN B 81 19.75 -11.52 8.13
N ILE B 82 18.50 -11.08 8.00
CA ILE B 82 17.52 -11.14 9.09
C ILE B 82 16.57 -12.31 8.84
N TYR B 83 16.45 -13.20 9.83
CA TYR B 83 15.58 -14.39 9.73
C TYR B 83 14.40 -14.24 10.70
N GLU B 84 13.19 -14.39 10.17
CA GLU B 84 11.99 -14.40 11.00
C GLU B 84 11.96 -15.71 11.81
N GLY B 85 11.89 -15.59 13.13
CA GLY B 85 11.59 -16.75 13.98
C GLY B 85 10.08 -16.72 14.19
N CYS B 86 9.65 -16.33 15.38
CA CYS B 86 8.20 -16.18 15.63
C CYS B 86 7.64 -14.82 15.14
N GLY B 87 8.53 -13.89 14.79
CA GLY B 87 8.16 -12.65 14.11
C GLY B 87 7.72 -11.49 15.02
N TRP B 88 7.17 -10.46 14.38
CA TRP B 88 6.80 -9.22 15.05
C TRP B 88 5.58 -9.38 15.94
N ASN B 89 4.67 -10.28 15.56
CA ASN B 89 3.30 -10.26 16.06
C ASN B 89 2.96 -11.38 17.05
N HIS B 90 3.85 -12.36 17.15
CA HIS B 90 3.60 -13.55 17.97
C HIS B 90 4.51 -13.54 19.17
N GLU B 91 3.98 -13.85 20.35
CA GLU B 91 4.78 -13.89 21.59
C GLU B 91 5.86 -14.97 21.56
N GLY B 92 7.10 -14.57 21.86
CA GLY B 92 8.24 -15.49 21.91
C GLY B 92 8.42 -16.11 23.29
N ALA B 93 9.52 -16.81 23.48
CA ALA B 93 9.81 -17.46 24.75
C ALA B 93 11.30 -17.34 24.88
N HIS B 94 11.72 -16.16 25.32
CA HIS B 94 13.12 -15.76 25.28
C HIS B 94 13.58 -15.04 26.54
N THR B 95 12.68 -14.32 27.21
CA THR B 95 13.08 -13.47 28.33
C THR B 95 11.99 -13.43 29.38
N TYR B 96 12.21 -14.14 30.50
CA TYR B 96 11.22 -14.24 31.59
C TYR B 96 10.77 -12.87 32.02
N GLY B 97 9.44 -12.71 32.12
CA GLY B 97 8.81 -11.45 32.54
C GLY B 97 8.68 -10.40 31.46
N TYR B 98 9.26 -10.67 30.29
CA TYR B 98 9.23 -9.71 29.19
C TYR B 98 8.63 -10.23 27.88
N ASN B 99 8.19 -11.48 27.87
CA ASN B 99 7.78 -12.09 26.59
C ASN B 99 6.54 -11.42 25.98
N LYS B 100 5.67 -10.87 26.81
CA LYS B 100 4.44 -10.22 26.33
C LYS B 100 4.63 -8.76 25.93
N LYS B 101 5.79 -8.20 26.22
CA LYS B 101 6.01 -6.77 25.99
C LYS B 101 7.32 -6.51 25.26
N SER B 102 7.77 -7.50 24.49
CA SER B 102 8.99 -7.35 23.72
C SER B 102 9.03 -8.28 22.54
N ILE B 103 9.93 -7.97 21.61
CA ILE B 103 10.45 -8.94 20.66
C ILE B 103 11.91 -9.20 21.08
N SER B 104 12.45 -10.34 20.63
CA SER B 104 13.85 -10.64 20.80
C SER B 104 14.55 -10.66 19.46
N ILE B 105 15.76 -10.12 19.47
CA ILE B 105 16.65 -10.23 18.32
C ILE B 105 17.83 -11.08 18.79
N ALA B 106 17.99 -12.25 18.18
CA ALA B 106 18.99 -13.18 18.65
C ALA B 106 20.12 -13.25 17.63
N PHE B 107 21.32 -12.82 18.03
CA PHE B 107 22.47 -12.90 17.14
C PHE B 107 22.94 -14.35 17.17
N ILE B 108 23.11 -14.95 15.99
CA ILE B 108 23.55 -16.33 15.88
C ILE B 108 25.06 -16.45 16.15
N GLY B 109 25.37 -17.11 17.27
CA GLY B 109 26.75 -17.26 17.70
C GLY B 109 26.88 -17.12 19.20
N ASN B 110 28.14 -17.01 19.65
CA ASN B 110 28.46 -16.80 21.06
C ASN B 110 29.38 -15.59 21.11
N PHE B 111 28.87 -14.50 21.69
CA PHE B 111 29.55 -13.21 21.66
C PHE B 111 29.97 -12.72 23.04
N GLN B 112 30.27 -13.67 23.92
CA GLN B 112 30.78 -13.36 25.24
C GLN B 112 32.21 -12.84 25.14
N ASN B 113 33.03 -13.52 24.34
CA ASN B 113 34.46 -13.20 24.27
C ASN B 113 34.89 -12.54 22.96
N LYS B 114 33.96 -12.47 22.01
CA LYS B 114 34.26 -11.81 20.73
C LYS B 114 33.10 -10.98 20.26
N SER B 115 33.42 -9.93 19.53
CA SER B 115 32.45 -9.05 18.89
C SER B 115 31.70 -9.70 17.76
N ALA B 116 30.47 -9.22 17.51
CA ALA B 116 29.75 -9.52 16.30
C ALA B 116 30.27 -8.59 15.22
N SER B 117 30.23 -9.03 13.97
CA SER B 117 30.65 -8.19 12.83
C SER B 117 29.73 -6.97 12.68
N ASN B 118 30.27 -5.91 12.06
CA ASN B 118 29.45 -4.73 11.75
C ASN B 118 28.23 -5.08 10.92
N LYS B 119 28.38 -6.06 10.04
CA LYS B 119 27.31 -6.53 9.17
C LYS B 119 26.09 -7.01 10.00
N MET B 120 26.35 -7.81 11.03
CA MET B 120 25.30 -8.29 11.94
C MET B 120 24.69 -7.16 12.75
N LEU B 121 25.55 -6.32 13.36
CA LEU B 121 25.04 -5.16 14.14
C LEU B 121 24.14 -4.25 13.33
N ASN B 122 24.58 -3.96 12.10
CA ASN B 122 23.84 -3.04 11.24
C ASN B 122 22.50 -3.62 10.79
N ALA B 123 22.48 -4.93 10.55
CA ALA B 123 21.23 -5.65 10.25
C ALA B 123 20.22 -5.56 11.41
N ALA B 124 20.68 -5.86 12.63
CA ALA B 124 19.85 -5.78 13.84
C ALA B 124 19.32 -4.38 14.02
N HIS B 125 20.19 -3.37 13.82
CA HIS B 125 19.77 -1.98 13.99
C HIS B 125 18.70 -1.56 12.96
N LYS B 126 18.89 -1.97 11.72
CA LYS B 126 17.94 -1.71 10.64
C LYS B 126 16.58 -2.33 10.95
N LEU B 127 16.61 -3.55 11.47
CA LEU B 127 15.38 -4.23 11.88
C LEU B 127 14.62 -3.39 12.91
N ILE B 128 15.32 -2.88 13.92
CA ILE B 128 14.72 -1.98 14.92
C ILE B 128 14.07 -0.73 14.30
N LEU B 129 14.80 -0.05 13.41
CA LEU B 129 14.27 1.15 12.73
C LEU B 129 13.06 0.82 11.87
N CYS B 130 13.09 -0.32 11.19
CA CYS B 130 11.96 -0.78 10.39
C CYS B 130 10.72 -1.02 11.25
N GLY B 131 10.91 -1.63 12.42
CA GLY B 131 9.83 -1.87 13.37
C GLY B 131 9.20 -0.58 13.85
N LYS B 132 10.04 0.42 14.16
CA LYS B 132 9.48 1.73 14.55
C LYS B 132 8.74 2.38 13.38
N SER B 133 9.29 2.24 12.18
CA SER B 133 8.73 2.89 10.98
C SER B 133 7.33 2.37 10.68
N LYS B 134 7.12 1.10 10.97
CA LYS B 134 5.88 0.40 10.59
C LYS B 134 4.83 0.43 11.71
N GLY B 135 5.17 1.07 12.84
CA GLY B 135 4.28 1.16 14.00
C GLY B 135 4.23 -0.12 14.83
N ILE B 136 5.17 -1.02 14.58
CA ILE B 136 5.26 -2.29 15.33
C ILE B 136 5.92 -2.06 16.71
N LEU B 137 7.04 -1.36 16.70
CA LEU B 137 7.71 -0.92 17.92
C LEU B 137 7.29 0.49 18.23
N ARG B 138 7.18 0.81 19.51
CA ARG B 138 6.93 2.17 19.97
C ARG B 138 7.99 3.14 19.46
N GLU B 139 7.59 4.40 19.26
CA GLU B 139 8.50 5.46 18.80
C GLU B 139 9.61 5.72 19.83
N ASP B 140 9.37 5.32 21.06
CA ASP B 140 10.33 5.39 22.18
C ASP B 140 10.66 3.98 22.70
N VAL B 141 10.67 3.00 21.78
CA VAL B 141 11.06 1.61 22.09
C VAL B 141 12.39 1.59 22.85
N ARG B 142 12.46 0.74 23.87
CA ARG B 142 13.63 0.63 24.75
C ARG B 142 14.35 -0.68 24.40
N VAL B 143 15.61 -0.56 24.00
CA VAL B 143 16.45 -1.71 23.59
C VAL B 143 17.33 -2.05 24.76
N ILE B 144 17.29 -3.31 25.16
CA ILE B 144 18.08 -3.80 26.30
C ILE B 144 18.69 -5.15 25.97
N GLY B 145 19.77 -5.50 26.69
CA GLY B 145 20.29 -6.86 26.58
C GLY B 145 19.56 -7.75 27.58
N GLY B 146 19.45 -9.04 27.26
CA GLY B 146 18.91 -10.05 28.19
C GLY B 146 19.42 -9.89 29.62
N LYS B 147 20.74 -9.65 29.75
CA LYS B 147 21.42 -9.59 31.05
C LYS B 147 20.95 -8.44 31.93
N GLN B 148 20.24 -7.48 31.34
CA GLN B 148 19.72 -6.35 32.10
C GLN B 148 18.45 -6.65 32.89
N VAL B 149 17.75 -7.73 32.53
CA VAL B 149 16.46 -8.06 33.14
C VAL B 149 16.26 -9.48 33.69
N ILE B 150 17.12 -10.42 33.27
CA ILE B 150 17.12 -11.78 33.83
C ILE B 150 18.54 -12.22 34.18
N ALA B 151 18.68 -13.29 34.96
CA ALA B 151 19.99 -13.83 35.34
C ALA B 151 20.61 -14.63 34.18
N THR B 152 21.36 -13.91 33.37
CA THR B 152 21.98 -14.45 32.17
C THR B 152 23.20 -13.59 31.81
N LEU B 153 24.08 -14.12 30.96
CA LEU B 153 25.16 -13.31 30.39
C LEU B 153 24.84 -12.89 28.96
N SER B 154 23.75 -13.46 28.41
CA SER B 154 23.25 -13.09 27.08
C SER B 154 23.02 -11.58 27.00
N PRO B 155 23.42 -10.92 25.88
CA PRO B 155 23.86 -11.42 24.58
C PRO B 155 25.36 -11.66 24.48
N GLY B 156 26.04 -11.81 25.63
CA GLY B 156 27.49 -11.90 25.66
C GLY B 156 28.12 -10.53 25.90
N PHE B 157 29.22 -10.51 26.66
CA PHE B 157 29.84 -9.24 27.08
C PHE B 157 30.24 -8.32 25.93
N GLU B 158 30.91 -8.88 24.91
CA GLU B 158 31.40 -8.08 23.80
C GLU B 158 30.25 -7.48 22.98
N LEU B 159 29.24 -8.30 22.67
CA LEU B 159 28.08 -7.80 21.91
C LEU B 159 27.26 -6.84 22.77
N TYR B 160 27.15 -7.13 24.05
CA TYR B 160 26.48 -6.19 24.99
C TYR B 160 27.07 -4.77 24.92
N LYS B 161 28.40 -4.65 24.94
CA LYS B 161 29.04 -3.33 24.76
C LYS B 161 28.77 -2.68 23.40
N GLN B 162 28.64 -3.51 22.35
CA GLN B 162 28.33 -3.03 20.99
C GLN B 162 26.92 -2.44 20.90
N ILE B 163 25.91 -3.09 21.49
CA ILE B 163 24.52 -2.56 21.47
C ILE B 163 24.37 -1.26 22.27
N GLN B 164 25.23 -1.06 23.28
CA GLN B 164 25.22 0.20 24.02
C GLN B 164 25.62 1.41 23.16
N ASN B 165 26.12 1.17 21.95
CA ASN B 165 26.36 2.27 20.97
C ASN B 165 25.10 2.79 20.31
N TRP B 166 24.01 2.04 20.45
CA TRP B 166 22.78 2.39 19.78
C TRP B 166 22.03 3.46 20.56
N PRO B 167 21.53 4.51 19.85
CA PRO B 167 20.74 5.55 20.56
C PRO B 167 19.53 4.99 21.30
N GLU B 168 18.94 3.90 20.80
CA GLU B 168 17.74 3.30 21.42
C GLU B 168 18.04 2.43 22.66
N TRP B 169 19.32 2.11 22.89
CA TRP B 169 19.68 1.34 24.09
C TRP B 169 19.43 2.17 25.36
N VAL B 170 18.97 1.52 26.42
CA VAL B 170 18.69 2.18 27.72
C VAL B 170 19.44 1.49 28.87
N SER B 171 19.97 2.29 29.79
CA SER B 171 20.68 1.75 30.96
C SER B 171 19.72 1.07 31.95
N THR B 172 18.50 1.59 32.04
CA THR B 172 17.50 1.09 32.98
C THR B 172 16.28 0.69 32.15
N PRO B 173 15.81 -0.56 32.32
CA PRO B 173 14.65 -1.08 31.59
C PRO B 173 13.38 -0.28 31.91
N GLU C 9 19.85 1.84 -30.00
CA GLU C 9 20.90 2.30 -29.06
C GLU C 9 20.42 3.52 -28.27
N ILE C 10 21.31 4.00 -27.41
CA ILE C 10 21.15 5.22 -26.64
C ILE C 10 21.01 6.43 -27.58
N ILE C 11 19.95 7.20 -27.40
CA ILE C 11 19.84 8.51 -28.02
C ILE C 11 20.81 9.43 -27.29
N LYS C 12 21.83 9.89 -28.01
CA LYS C 12 22.84 10.82 -27.48
C LYS C 12 22.21 12.20 -27.16
N ARG C 13 23.00 13.03 -26.45
CA ARG C 13 22.61 14.38 -26.02
C ARG C 13 22.21 15.32 -27.19
N ASN C 14 22.89 15.16 -28.32
CA ASN C 14 22.75 16.04 -29.48
C ASN C 14 21.39 15.92 -30.17
N GLU C 15 20.79 14.74 -30.09
CA GLU C 15 19.52 14.47 -30.77
C GLU C 15 18.32 15.14 -30.10
N TRP C 16 18.46 15.51 -28.81
CA TRP C 16 17.39 16.19 -28.08
C TRP C 16 17.67 17.64 -27.72
N THR C 17 18.95 18.05 -27.73
CA THR C 17 19.33 19.45 -27.46
C THR C 17 20.61 19.88 -28.19
N ASN C 18 20.67 21.16 -28.54
CA ASN C 18 21.90 21.78 -29.04
C ASN C 18 22.50 22.75 -28.00
N VAL C 19 22.12 22.57 -26.73
CA VAL C 19 22.71 23.29 -25.60
C VAL C 19 23.71 22.35 -24.91
N GLN C 20 24.98 22.71 -24.95
CA GLN C 20 26.08 21.90 -24.40
C GLN C 20 26.29 22.15 -22.91
N ALA C 21 27.03 21.26 -22.26
CA ALA C 21 27.35 21.36 -20.83
C ALA C 21 28.28 22.55 -20.54
N LYS C 22 27.93 23.31 -19.51
CA LYS C 22 28.73 24.45 -19.04
C LYS C 22 30.06 24.01 -18.42
N ASN C 23 30.04 22.85 -17.73
CA ASN C 23 31.24 22.25 -17.14
C ASN C 23 31.15 20.72 -17.08
N ILE C 24 32.30 20.07 -17.21
CA ILE C 24 32.43 18.63 -17.07
C ILE C 24 33.44 18.29 -15.97
N ASN C 25 32.99 17.49 -15.00
CA ASN C 25 33.90 16.81 -14.06
C ASN C 25 33.79 15.31 -14.30
N TYR C 26 34.94 14.66 -14.50
CA TYR C 26 34.96 13.23 -14.83
C TYR C 26 34.81 12.30 -13.64
N LEU C 27 33.94 11.30 -13.81
CA LEU C 27 33.79 10.20 -12.87
C LEU C 27 35.00 9.27 -12.87
N ILE C 28 35.27 8.68 -11.71
CA ILE C 28 36.31 7.67 -11.57
C ILE C 28 35.70 6.33 -12.02
N ILE C 29 36.29 5.75 -13.06
CA ILE C 29 35.86 4.46 -13.61
C ILE C 29 36.73 3.35 -12.97
N PRO C 30 36.13 2.18 -12.61
CA PRO C 30 34.74 1.70 -12.73
C PRO C 30 33.82 2.22 -11.63
N ILE C 31 32.54 2.38 -11.97
CA ILE C 31 31.52 2.97 -11.08
C ILE C 31 30.90 1.88 -10.20
N PRO C 32 30.90 2.08 -8.86
CA PRO C 32 30.33 1.04 -7.99
C PRO C 32 28.80 1.05 -7.82
N TYR C 33 28.14 2.17 -8.15
CA TYR C 33 26.68 2.33 -7.94
C TYR C 33 25.86 2.79 -9.15
N VAL C 34 24.64 2.27 -9.23
CA VAL C 34 23.63 2.83 -10.12
C VAL C 34 22.48 3.29 -9.23
N ILE C 35 22.07 4.56 -9.37
CA ILE C 35 20.92 5.08 -8.59
C ILE C 35 19.72 5.28 -9.48
N ILE C 36 18.61 4.62 -9.12
CA ILE C 36 17.34 4.75 -9.84
C ILE C 36 16.53 5.93 -9.26
N HIS C 37 16.14 6.86 -10.14
CA HIS C 37 15.30 8.02 -9.79
C HIS C 37 14.06 8.09 -10.67
N HIS C 38 13.07 8.87 -10.25
CA HIS C 38 12.03 9.35 -11.18
C HIS C 38 12.19 10.86 -11.29
N THR C 39 11.62 11.46 -12.34
CA THR C 39 11.84 12.89 -12.60
C THR C 39 10.82 13.80 -11.93
N VAL C 40 9.68 13.23 -11.53
CA VAL C 40 8.52 13.97 -10.99
C VAL C 40 8.01 14.97 -12.05
N SER C 41 7.83 14.45 -13.27
CA SER C 41 7.31 15.24 -14.38
C SER C 41 6.26 14.37 -15.09
N LEU C 42 5.67 14.88 -16.18
CA LEU C 42 4.67 14.14 -16.93
C LEU C 42 5.32 12.98 -17.65
N GLU C 43 4.57 11.88 -17.78
CA GLU C 43 4.98 10.79 -18.64
C GLU C 43 5.01 11.26 -20.11
N CYS C 44 5.83 10.58 -20.90
CA CYS C 44 5.93 10.82 -22.34
C CYS C 44 5.85 9.46 -23.03
N ASN C 45 5.29 9.45 -24.23
CA ASN C 45 4.95 8.18 -24.91
C ASN C 45 5.44 8.11 -26.37
N SER C 46 6.28 9.08 -26.73
CA SER C 46 6.71 9.33 -28.10
C SER C 46 8.06 10.03 -28.08
N LYS C 47 8.83 9.87 -29.16
CA LYS C 47 10.16 10.49 -29.24
C LYS C 47 10.11 12.02 -29.13
N ASP C 48 9.20 12.64 -29.88
CA ASP C 48 9.00 14.09 -29.83
C ASP C 48 8.54 14.60 -28.46
N THR C 49 7.65 13.85 -27.80
CA THR C 49 7.16 14.22 -26.46
C THR C 49 8.23 13.98 -25.39
N CYS C 50 9.05 12.93 -25.59
CA CYS C 50 10.20 12.64 -24.72
C CYS C 50 11.27 13.71 -24.84
N ILE C 51 11.62 14.09 -26.09
CA ILE C 51 12.59 15.18 -26.35
C ILE C 51 12.17 16.49 -25.68
N SER C 52 10.89 16.85 -25.80
CA SER C 52 10.32 18.05 -25.17
C SER C 52 10.37 18.01 -23.63
N ASN C 53 10.03 16.85 -23.05
CA ASN C 53 10.15 16.61 -21.60
C ASN C 53 11.57 16.82 -21.07
N ILE C 54 12.55 16.17 -21.72
CA ILE C 54 13.96 16.19 -21.29
C ILE C 54 14.63 17.55 -21.45
N GLU C 55 14.28 18.25 -22.54
CA GLU C 55 14.73 19.63 -22.76
C GLU C 55 14.29 20.56 -21.63
N ASN C 56 13.01 20.42 -21.23
CA ASN C 56 12.45 21.18 -20.10
C ASN C 56 13.13 20.86 -18.75
N ILE C 57 13.52 19.60 -18.55
CA ILE C 57 14.34 19.18 -17.40
C ILE C 57 15.72 19.85 -17.49
N ARG C 58 16.37 19.74 -18.65
CA ARG C 58 17.68 20.38 -18.88
C ARG C 58 17.65 21.89 -18.60
N SER C 59 16.60 22.56 -19.08
CA SER C 59 16.41 24.00 -18.88
C SER C 59 16.22 24.35 -17.40
N TYR C 60 15.39 23.56 -16.72
CA TYR C 60 15.19 23.70 -15.27
C TYR C 60 16.52 23.59 -14.50
N HIS C 61 17.32 22.58 -14.81
CA HIS C 61 18.62 22.38 -14.16
C HIS C 61 19.65 23.47 -14.46
N MET C 62 19.79 23.81 -15.75
CA MET C 62 20.85 24.71 -16.20
C MET C 62 20.53 26.19 -16.18
N ASP C 63 19.26 26.54 -16.44
CA ASP C 63 18.83 27.95 -16.48
C ASP C 63 18.13 28.39 -15.19
N THR C 64 17.16 27.60 -14.71
CA THR C 64 16.47 27.89 -13.45
C THR C 64 17.42 27.75 -12.24
N LEU C 65 18.06 26.58 -12.10
CA LEU C 65 18.89 26.29 -10.91
C LEU C 65 20.38 26.55 -11.11
N ASN C 66 20.76 26.98 -12.31
CA ASN C 66 22.16 27.28 -12.70
C ASN C 66 23.19 26.17 -12.44
N TRP C 67 22.78 24.91 -12.62
CA TRP C 67 23.72 23.79 -12.55
C TRP C 67 24.54 23.67 -13.84
N HIS C 68 25.71 23.03 -13.75
CA HIS C 68 26.65 22.90 -14.86
C HIS C 68 26.11 22.08 -16.06
N ASP C 69 25.19 21.17 -15.77
CA ASP C 69 24.61 20.26 -16.76
C ASP C 69 23.23 19.81 -16.29
N ILE C 70 22.52 19.07 -17.15
CA ILE C 70 21.41 18.23 -16.69
C ILE C 70 21.97 17.27 -15.62
N GLY C 71 21.20 17.05 -14.54
CA GLY C 71 21.68 16.31 -13.38
C GLY C 71 21.68 14.79 -13.46
N TYR C 72 20.91 14.25 -14.40
CA TYR C 72 20.77 12.80 -14.54
C TYR C 72 21.71 12.28 -15.61
N SER C 73 22.32 11.12 -15.37
CA SER C 73 23.21 10.48 -16.36
C SER C 73 22.45 10.01 -17.60
N PHE C 74 21.36 9.28 -17.36
CA PHE C 74 20.47 8.80 -18.42
C PHE C 74 19.02 8.97 -18.03
N LEU C 75 18.15 9.08 -19.02
CA LEU C 75 16.72 9.17 -18.77
C LEU C 75 16.01 8.14 -19.63
N ILE C 76 14.95 7.53 -19.07
CA ILE C 76 14.15 6.54 -19.79
C ILE C 76 12.78 7.13 -20.07
N GLY C 77 12.41 7.15 -21.36
CA GLY C 77 11.11 7.67 -21.79
C GLY C 77 10.07 6.56 -21.83
N GLY C 78 8.80 6.96 -21.81
CA GLY C 78 7.68 6.00 -21.93
C GLY C 78 7.60 5.34 -23.30
N ASP C 79 8.42 5.80 -24.24
CA ASP C 79 8.60 5.15 -25.55
C ASP C 79 9.55 3.93 -25.51
N GLY C 80 10.20 3.72 -24.35
CA GLY C 80 11.18 2.66 -24.19
C GLY C 80 12.59 3.02 -24.65
N ASN C 81 12.79 4.27 -25.05
CA ASN C 81 14.11 4.75 -25.44
C ASN C 81 14.96 5.19 -24.24
N ILE C 82 16.28 5.00 -24.37
CA ILE C 82 17.26 5.56 -23.44
C ILE C 82 17.78 6.88 -23.99
N TYR C 83 17.78 7.91 -23.15
CA TYR C 83 18.28 9.22 -23.54
C TYR C 83 19.48 9.59 -22.69
N GLU C 84 20.59 9.91 -23.35
CA GLU C 84 21.80 10.39 -22.67
C GLU C 84 21.52 11.76 -22.06
N GLY C 85 21.77 11.86 -20.75
CA GLY C 85 21.73 13.14 -20.05
C GLY C 85 23.17 13.62 -19.97
N CYS C 86 23.77 13.55 -18.78
CA CYS C 86 25.20 13.84 -18.65
C CYS C 86 26.12 12.67 -19.00
N GLY C 87 25.54 11.48 -19.18
CA GLY C 87 26.27 10.33 -19.72
C GLY C 87 27.06 9.49 -18.74
N TRP C 88 27.86 8.56 -19.28
CA TRP C 88 28.62 7.57 -18.50
C TRP C 88 29.71 8.17 -17.63
N ASN C 89 30.33 9.22 -18.14
CA ASN C 89 31.66 9.65 -17.72
C ASN C 89 31.68 11.02 -17.04
N HIS C 90 30.52 11.68 -16.98
CA HIS C 90 30.42 13.03 -16.40
C HIS C 90 29.63 12.95 -15.10
N GLU C 91 30.15 13.62 -14.06
CA GLU C 91 29.52 13.69 -12.76
C GLU C 91 28.15 14.35 -12.88
N GLY C 92 27.14 13.70 -12.30
CA GLY C 92 25.81 14.23 -12.28
C GLY C 92 25.51 14.98 -11.00
N ALA C 93 24.25 15.37 -10.86
CA ALA C 93 23.77 16.07 -9.68
C ALA C 93 22.39 15.52 -9.39
N HIS C 94 22.36 14.38 -8.72
CA HIS C 94 21.12 13.61 -8.54
C HIS C 94 20.99 13.01 -7.14
N THR C 95 22.12 12.64 -6.55
CA THR C 95 22.12 11.89 -5.30
C THR C 95 23.25 12.35 -4.37
N TYR C 96 22.89 13.18 -3.37
CA TYR C 96 23.84 13.59 -2.31
C TYR C 96 24.64 12.43 -1.77
N GLY C 97 25.96 12.63 -1.69
CA GLY C 97 26.90 11.62 -1.20
C GLY C 97 27.32 10.55 -2.21
N TYR C 98 26.76 10.62 -3.42
CA TYR C 98 26.92 9.53 -4.40
C TYR C 98 27.24 10.00 -5.82
N ASN C 99 27.19 11.31 -6.05
CA ASN C 99 27.38 11.89 -7.38
C ASN C 99 28.73 11.57 -8.04
N LYS C 100 29.77 11.35 -7.22
CA LYS C 100 31.12 11.00 -7.69
C LYS C 100 31.38 9.49 -7.76
N LYS C 101 30.40 8.68 -7.33
CA LYS C 101 30.53 7.23 -7.35
C LYS C 101 29.33 6.49 -7.93
N SER C 102 28.53 7.20 -8.74
CA SER C 102 27.29 6.68 -9.30
C SER C 102 26.97 7.21 -10.67
N ILE C 103 26.11 6.45 -11.35
CA ILE C 103 25.35 6.90 -12.49
C ILE C 103 23.90 6.94 -12.02
N SER C 104 23.11 7.89 -12.54
CA SER C 104 21.67 7.88 -12.30
C SER C 104 20.91 7.51 -13.55
N ILE C 105 19.92 6.64 -13.37
CA ILE C 105 18.94 6.36 -14.40
C ILE C 105 17.59 6.92 -13.91
N ALA C 106 17.12 7.97 -14.60
CA ALA C 106 15.88 8.66 -14.26
C ALA C 106 14.76 8.24 -15.18
N PHE C 107 13.76 7.56 -14.62
CA PHE C 107 12.52 7.25 -15.32
C PHE C 107 11.70 8.52 -15.41
N ILE C 108 11.27 8.86 -16.63
CA ILE C 108 10.50 10.07 -16.84
C ILE C 108 9.05 9.83 -16.45
N GLY C 109 8.61 10.58 -15.44
CA GLY C 109 7.28 10.42 -14.89
C GLY C 109 7.26 10.56 -13.38
N ASN C 110 6.13 10.19 -12.81
CA ASN C 110 6.01 10.09 -11.35
C ASN C 110 5.52 8.69 -11.07
N PHE C 111 6.37 7.88 -10.44
CA PHE C 111 6.04 6.47 -10.16
C PHE C 111 5.82 6.15 -8.69
N GLN C 112 5.40 7.16 -7.93
CA GLN C 112 5.00 6.95 -6.54
C GLN C 112 3.74 6.08 -6.43
N ASN C 113 2.74 6.41 -7.24
CA ASN C 113 1.45 5.74 -7.13
C ASN C 113 1.09 4.87 -8.35
N LYS C 114 2.02 4.74 -9.28
CA LYS C 114 1.79 3.86 -10.43
C LYS C 114 3.10 3.22 -10.83
N SER C 115 2.98 2.02 -11.39
CA SER C 115 4.09 1.25 -11.91
C SER C 115 4.63 1.84 -13.22
N ALA C 116 5.92 1.63 -13.48
CA ALA C 116 6.51 1.95 -14.78
C ALA C 116 6.24 0.75 -15.70
N SER C 117 6.10 1.02 -17.00
CA SER C 117 5.90 -0.03 -18.01
C SER C 117 7.09 -0.98 -18.08
N ASN C 118 6.80 -2.21 -18.50
CA ASN C 118 7.85 -3.20 -18.74
C ASN C 118 8.87 -2.71 -19.75
N LYS C 119 8.39 -1.99 -20.77
CA LYS C 119 9.20 -1.30 -21.77
C LYS C 119 10.29 -0.42 -21.13
N MET C 120 9.87 0.39 -20.16
CA MET C 120 10.79 1.26 -19.42
C MET C 120 11.74 0.46 -18.56
N LEU C 121 11.20 -0.49 -17.79
CA LEU C 121 12.03 -1.33 -16.91
C LEU C 121 13.12 -2.06 -17.67
N ASN C 122 12.75 -2.69 -18.79
CA ASN C 122 13.69 -3.45 -19.64
C ASN C 122 14.79 -2.59 -20.22
N ALA C 123 14.43 -1.38 -20.66
CA ALA C 123 15.40 -0.42 -21.18
C ALA C 123 16.46 -0.04 -20.12
N ALA C 124 16.01 0.25 -18.89
CA ALA C 124 16.93 0.57 -17.79
C ALA C 124 17.89 -0.57 -17.50
N HIS C 125 17.34 -1.79 -17.49
CA HIS C 125 18.11 -2.97 -17.14
C HIS C 125 19.13 -3.30 -18.24
N LYS C 126 18.69 -3.17 -19.50
CA LYS C 126 19.58 -3.25 -20.66
C LYS C 126 20.72 -2.25 -20.56
N LEU C 127 20.39 -1.00 -20.20
CA LEU C 127 21.39 0.03 -20.01
C LEU C 127 22.45 -0.37 -18.98
N ILE C 128 22.01 -0.93 -17.85
CA ILE C 128 22.92 -1.40 -16.79
C ILE C 128 23.87 -2.47 -17.33
N LEU C 129 23.30 -3.48 -17.99
CA LEU C 129 24.10 -4.58 -18.56
C LEU C 129 25.17 -4.09 -19.55
N CYS C 130 24.81 -3.13 -20.40
CA CYS C 130 25.76 -2.45 -21.31
C CYS C 130 26.92 -1.81 -20.54
N GLY C 131 26.62 -1.17 -19.41
CA GLY C 131 27.64 -0.55 -18.55
C GLY C 131 28.59 -1.55 -17.91
N LYS C 132 28.05 -2.69 -17.50
CA LYS C 132 28.84 -3.76 -16.90
C LYS C 132 29.74 -4.43 -17.94
N SER C 133 29.15 -4.70 -19.11
CA SER C 133 29.85 -5.32 -20.25
C SER C 133 31.04 -4.49 -20.71
N LYS C 134 30.88 -3.16 -20.65
CA LYS C 134 31.92 -2.21 -21.06
C LYS C 134 33.00 -1.96 -20.00
N GLY C 135 32.75 -2.41 -18.77
CA GLY C 135 33.66 -2.17 -17.64
C GLY C 135 33.55 -0.80 -16.98
N ILE C 136 32.66 0.05 -17.53
CA ILE C 136 32.35 1.38 -16.97
C ILE C 136 31.72 1.21 -15.57
N LEU C 137 30.76 0.30 -15.48
CA LEU C 137 30.19 -0.13 -14.21
C LEU C 137 30.93 -1.36 -13.71
N ARG C 138 31.20 -1.41 -12.41
CA ARG C 138 31.83 -2.59 -11.78
C ARG C 138 31.06 -3.89 -12.07
N GLU C 139 31.76 -5.02 -12.02
CA GLU C 139 31.13 -6.32 -12.22
C GLU C 139 30.11 -6.62 -11.13
N ASP C 140 30.41 -6.19 -9.91
CA ASP C 140 29.52 -6.32 -8.75
C ASP C 140 28.84 -4.97 -8.43
N VAL C 141 28.50 -4.22 -9.49
CA VAL C 141 27.79 -2.93 -9.39
C VAL C 141 26.51 -3.11 -8.57
N ARG C 142 26.25 -2.14 -7.71
CA ARG C 142 25.12 -2.18 -6.80
C ARG C 142 24.08 -1.18 -7.28
N VAL C 143 22.89 -1.70 -7.59
CA VAL C 143 21.78 -0.88 -8.06
C VAL C 143 20.89 -0.61 -6.84
N ILE C 144 20.63 0.67 -6.61
CA ILE C 144 19.78 1.10 -5.51
C ILE C 144 18.78 2.18 -5.93
N GLY C 145 17.68 2.30 -5.17
CA GLY C 145 16.76 3.42 -5.37
C GLY C 145 17.31 4.64 -4.64
N GLY C 146 17.05 5.84 -5.16
CA GLY C 146 17.47 7.07 -4.49
C GLY C 146 17.10 7.10 -3.01
N LYS C 147 15.89 6.63 -2.71
CA LYS C 147 15.36 6.63 -1.34
C LYS C 147 16.10 5.74 -0.35
N GLN C 148 16.93 4.82 -0.85
CA GLN C 148 17.76 4.00 0.04
C GLN C 148 18.89 4.79 0.67
N VAL C 149 19.30 5.88 0.03
CA VAL C 149 20.50 6.62 0.47
C VAL C 149 20.33 8.10 0.78
N ILE C 150 19.23 8.71 0.31
CA ILE C 150 18.95 10.14 0.59
C ILE C 150 17.49 10.32 1.03
N ALA C 151 17.19 11.47 1.65
CA ALA C 151 15.82 11.80 2.09
C ALA C 151 14.94 12.15 0.89
N THR C 152 14.33 11.12 0.30
CA THR C 152 13.53 11.29 -0.95
C THR C 152 12.54 10.14 -1.04
N LEU C 153 11.49 10.31 -1.82
CA LEU C 153 10.61 9.20 -2.19
C LEU C 153 11.00 8.61 -3.55
N SER C 154 11.88 9.31 -4.28
CA SER C 154 12.39 8.89 -5.59
C SER C 154 12.99 7.47 -5.46
N PRO C 155 12.70 6.55 -6.40
CA PRO C 155 12.09 6.70 -7.73
C PRO C 155 10.56 6.49 -7.71
N GLY C 156 9.97 6.63 -6.53
CA GLY C 156 8.56 6.42 -6.35
C GLY C 156 8.35 5.00 -5.87
N PHE C 157 7.42 4.82 -4.94
CA PHE C 157 7.23 3.54 -4.27
C PHE C 157 7.02 2.36 -5.22
N GLU C 158 6.16 2.56 -6.21
CA GLU C 158 5.76 1.48 -7.13
C GLU C 158 6.91 1.05 -8.00
N LEU C 159 7.66 2.02 -8.53
CA LEU C 159 8.87 1.74 -9.30
C LEU C 159 9.93 1.11 -8.42
N TYR C 160 10.08 1.64 -7.21
CA TYR C 160 10.98 1.03 -6.22
C TYR C 160 10.74 -0.47 -5.99
N LYS C 161 9.47 -0.86 -5.86
CA LYS C 161 9.14 -2.29 -5.72
C LYS C 161 9.50 -3.13 -6.97
N GLN C 162 9.39 -2.53 -8.14
CA GLN C 162 9.75 -3.18 -9.42
C GLN C 162 11.26 -3.44 -9.59
N ILE C 163 12.10 -2.48 -9.20
CA ILE C 163 13.57 -2.66 -9.38
C ILE C 163 14.13 -3.71 -8.43
N GLN C 164 13.41 -3.98 -7.35
CA GLN C 164 13.75 -5.05 -6.39
C GLN C 164 13.70 -6.46 -7.00
N ASN C 165 13.09 -6.58 -8.18
CA ASN C 165 13.09 -7.83 -8.94
C ASN C 165 14.42 -8.09 -9.69
N TRP C 166 15.20 -7.03 -9.93
CA TRP C 166 16.51 -7.15 -10.58
C TRP C 166 17.55 -7.82 -9.67
N PRO C 167 18.33 -8.78 -10.22
CA PRO C 167 19.41 -9.43 -9.44
C PRO C 167 20.48 -8.47 -8.93
N GLU C 168 20.64 -7.35 -9.62
CA GLU C 168 21.68 -6.36 -9.29
C GLU C 168 21.24 -5.40 -8.17
N TRP C 169 19.93 -5.37 -7.88
CA TRP C 169 19.40 -4.57 -6.77
C TRP C 169 19.93 -5.09 -5.44
N VAL C 170 20.29 -4.19 -4.54
CA VAL C 170 20.71 -4.59 -3.19
C VAL C 170 19.94 -3.80 -2.12
N SER C 171 19.56 -4.48 -1.03
CA SER C 171 18.83 -3.86 0.07
C SER C 171 19.67 -2.93 0.92
N THR C 172 20.90 -3.36 1.25
CA THR C 172 21.83 -2.52 1.98
C THR C 172 22.87 -2.00 0.98
N PRO C 173 22.95 -0.65 0.81
CA PRO C 173 23.81 -0.04 -0.22
C PRO C 173 25.28 -0.33 0.03
N GLU D 9 -27.14 26.86 -16.59
CA GLU D 9 -26.10 27.63 -15.85
C GLU D 9 -25.66 26.92 -14.55
N ILE D 10 -24.43 26.44 -14.58
CA ILE D 10 -23.83 25.67 -13.47
C ILE D 10 -23.59 26.59 -12.25
N ILE D 11 -23.93 26.08 -11.06
CA ILE D 11 -23.65 26.79 -9.80
C ILE D 11 -22.17 26.58 -9.50
N LYS D 12 -21.38 27.65 -9.64
CA LYS D 12 -19.92 27.62 -9.47
C LYS D 12 -19.56 27.25 -8.03
N ARG D 13 -18.41 26.62 -7.85
CA ARG D 13 -17.95 26.17 -6.52
C ARG D 13 -18.06 27.28 -5.45
N ASN D 14 -17.62 28.49 -5.81
CA ASN D 14 -17.67 29.67 -4.93
C ASN D 14 -19.07 30.09 -4.45
N GLU D 15 -20.11 29.60 -5.13
CA GLU D 15 -21.51 29.89 -4.77
C GLU D 15 -22.06 28.99 -3.65
N TRP D 16 -21.36 27.90 -3.34
CA TRP D 16 -21.83 26.99 -2.29
C TRP D 16 -20.87 26.77 -1.13
N THR D 17 -19.63 27.26 -1.28
CA THR D 17 -18.61 27.17 -0.23
C THR D 17 -17.58 28.29 -0.31
N ASN D 18 -16.98 28.59 0.86
CA ASN D 18 -15.87 29.53 1.01
C ASN D 18 -14.51 28.81 1.13
N VAL D 19 -14.54 27.47 1.08
CA VAL D 19 -13.31 26.67 1.22
C VAL D 19 -12.82 26.32 -0.17
N GLN D 20 -11.60 26.76 -0.46
CA GLN D 20 -10.92 26.57 -1.74
C GLN D 20 -10.55 25.11 -1.96
N ALA D 21 -10.69 24.65 -3.20
CA ALA D 21 -10.18 23.34 -3.61
C ALA D 21 -8.67 23.28 -3.46
N LYS D 22 -8.16 22.09 -3.18
CA LYS D 22 -6.71 21.84 -3.14
C LYS D 22 -6.32 20.95 -4.34
N ASN D 23 -6.41 21.51 -5.54
CA ASN D 23 -6.21 20.78 -6.80
C ASN D 23 -4.89 19.99 -6.90
N ILE D 24 -4.96 18.77 -7.43
CA ILE D 24 -3.84 17.82 -7.40
C ILE D 24 -3.25 17.43 -8.77
N ASN D 25 -4.06 17.51 -9.81
CA ASN D 25 -3.64 17.15 -11.16
C ASN D 25 -4.73 17.59 -12.12
N TYR D 26 -4.30 18.10 -13.26
CA TYR D 26 -5.22 18.36 -14.35
C TYR D 26 -5.66 17.03 -14.93
N LEU D 27 -6.92 16.99 -15.37
CA LEU D 27 -7.43 15.87 -16.14
C LEU D 27 -6.97 16.04 -17.57
N ILE D 28 -6.34 15.00 -18.10
CA ILE D 28 -5.89 14.96 -19.49
C ILE D 28 -7.09 14.85 -20.44
N ILE D 29 -7.19 15.85 -21.30
CA ILE D 29 -8.34 16.09 -22.17
C ILE D 29 -8.02 15.56 -23.58
N PRO D 30 -9.02 15.02 -24.33
CA PRO D 30 -10.44 14.77 -24.01
C PRO D 30 -10.65 13.58 -23.08
N ILE D 31 -11.65 13.69 -22.21
CA ILE D 31 -11.96 12.69 -21.19
C ILE D 31 -12.80 11.55 -21.81
N PRO D 32 -12.35 10.28 -21.67
CA PRO D 32 -13.08 9.16 -22.30
C PRO D 32 -14.33 8.64 -21.55
N TYR D 33 -14.44 8.93 -20.25
CA TYR D 33 -15.52 8.40 -19.41
C TYR D 33 -16.29 9.43 -18.57
N VAL D 34 -17.58 9.15 -18.38
CA VAL D 34 -18.41 9.84 -17.37
C VAL D 34 -18.97 8.78 -16.43
N ILE D 35 -18.79 8.98 -15.12
CA ILE D 35 -19.26 8.01 -14.13
C ILE D 35 -20.42 8.60 -13.34
N ILE D 36 -21.53 7.88 -13.30
CA ILE D 36 -22.70 8.33 -12.56
C ILE D 36 -22.71 7.62 -11.20
N HIS D 37 -22.89 8.42 -10.14
CA HIS D 37 -22.86 7.98 -8.76
C HIS D 37 -24.10 8.58 -8.10
N HIS D 38 -24.49 8.01 -6.97
CA HIS D 38 -25.35 8.74 -6.03
C HIS D 38 -24.56 9.08 -4.76
N THR D 39 -25.06 10.01 -3.95
CA THR D 39 -24.27 10.51 -2.78
C THR D 39 -24.51 9.71 -1.50
N VAL D 40 -25.61 8.94 -1.46
CA VAL D 40 -26.10 8.26 -0.25
C VAL D 40 -26.24 9.29 0.90
N SER D 41 -26.79 10.46 0.59
CA SER D 41 -27.03 11.51 1.59
C SER D 41 -28.45 12.02 1.36
N LEU D 42 -28.94 12.94 2.20
CA LEU D 42 -30.27 13.56 2.06
C LEU D 42 -30.54 14.10 0.66
N GLU D 43 -31.76 13.91 0.15
CA GLU D 43 -32.21 14.60 -1.07
C GLU D 43 -32.44 16.09 -0.73
N CYS D 44 -32.40 16.94 -1.74
CA CYS D 44 -32.61 18.39 -1.55
C CYS D 44 -33.47 18.94 -2.68
N ASN D 45 -34.35 19.89 -2.37
CA ASN D 45 -35.33 20.37 -3.36
C ASN D 45 -35.25 21.87 -3.67
N SER D 46 -34.27 22.56 -3.08
CA SER D 46 -34.05 23.97 -3.34
C SER D 46 -32.56 24.28 -3.35
N LYS D 47 -32.23 25.42 -3.94
CA LYS D 47 -30.86 25.92 -3.93
C LYS D 47 -30.33 25.95 -2.49
N ASP D 48 -31.11 26.50 -1.56
CA ASP D 48 -30.72 26.64 -0.16
C ASP D 48 -30.36 25.32 0.54
N THR D 49 -31.19 24.30 0.37
CA THR D 49 -30.91 23.01 1.02
C THR D 49 -29.86 22.19 0.27
N CYS D 50 -29.78 22.37 -1.05
CA CYS D 50 -28.73 21.69 -1.84
C CYS D 50 -27.35 22.20 -1.51
N ILE D 51 -27.20 23.52 -1.37
CA ILE D 51 -25.94 24.16 -0.96
C ILE D 51 -25.44 23.58 0.36
N SER D 52 -26.33 23.53 1.37
CA SER D 52 -26.04 22.96 2.70
C SER D 52 -25.56 21.52 2.61
N ASN D 53 -26.31 20.71 1.85
CA ASN D 53 -26.02 19.31 1.61
C ASN D 53 -24.62 19.12 1.04
N ILE D 54 -24.32 19.87 -0.02
CA ILE D 54 -23.03 19.75 -0.75
C ILE D 54 -21.88 20.17 0.16
N GLU D 55 -22.10 21.23 0.94
CA GLU D 55 -21.11 21.70 1.92
C GLU D 55 -20.80 20.64 2.97
N ASN D 56 -21.83 19.93 3.41
CA ASN D 56 -21.67 18.81 4.33
C ASN D 56 -20.82 17.70 3.74
N ILE D 57 -21.04 17.37 2.46
CA ILE D 57 -20.20 16.39 1.75
C ILE D 57 -18.77 16.91 1.62
N ARG D 58 -18.62 18.17 1.19
CA ARG D 58 -17.29 18.77 1.07
C ARG D 58 -16.56 18.68 2.40
N SER D 59 -17.23 19.09 3.48
CA SER D 59 -16.64 19.07 4.82
C SER D 59 -16.21 17.66 5.26
N TYR D 60 -17.02 16.67 4.93
CA TYR D 60 -16.67 15.29 5.22
C TYR D 60 -15.45 14.86 4.40
N HIS D 61 -15.43 15.17 3.12
CA HIS D 61 -14.31 14.77 2.27
C HIS D 61 -13.01 15.48 2.61
N MET D 62 -13.08 16.80 2.74
CA MET D 62 -11.90 17.63 2.94
C MET D 62 -11.46 17.72 4.39
N ASP D 63 -12.40 17.89 5.33
CA ASP D 63 -12.05 18.14 6.73
C ASP D 63 -11.93 16.85 7.53
N THR D 64 -12.85 15.90 7.33
CA THR D 64 -12.80 14.61 8.07
C THR D 64 -11.78 13.65 7.44
N LEU D 65 -11.78 13.56 6.11
CA LEU D 65 -10.94 12.59 5.42
C LEU D 65 -9.62 13.13 4.86
N ASN D 66 -9.42 14.45 4.96
CA ASN D 66 -8.24 15.16 4.39
C ASN D 66 -8.09 14.97 2.86
N TRP D 67 -9.21 14.79 2.12
CA TRP D 67 -9.14 14.78 0.65
C TRP D 67 -8.91 16.19 0.13
N HIS D 68 -8.44 16.25 -1.10
CA HIS D 68 -8.10 17.52 -1.72
C HIS D 68 -9.31 18.38 -2.11
N ASP D 69 -10.47 17.75 -2.19
CA ASP D 69 -11.68 18.45 -2.63
C ASP D 69 -12.86 17.55 -2.33
N ILE D 70 -14.08 18.11 -2.45
CA ILE D 70 -15.24 17.26 -2.61
C ILE D 70 -14.89 16.28 -3.75
N GLY D 71 -15.17 14.99 -3.56
CA GLY D 71 -14.71 13.92 -4.45
C GLY D 71 -15.33 13.91 -5.85
N TYR D 72 -16.54 14.46 -5.97
CA TYR D 72 -17.28 14.41 -7.22
C TYR D 72 -16.98 15.61 -8.12
N SER D 73 -17.02 15.38 -9.44
CA SER D 73 -16.75 16.45 -10.42
C SER D 73 -17.91 17.45 -10.44
N PHE D 74 -19.13 16.90 -10.51
CA PHE D 74 -20.36 17.68 -10.50
C PHE D 74 -21.43 16.97 -9.70
N LEU D 75 -22.32 17.74 -9.10
CA LEU D 75 -23.45 17.16 -8.38
C LEU D 75 -24.76 17.68 -8.94
N ILE D 76 -25.80 16.86 -8.86
CA ILE D 76 -27.15 17.24 -9.34
C ILE D 76 -28.08 17.27 -8.14
N GLY D 77 -28.68 18.43 -7.89
CA GLY D 77 -29.71 18.55 -6.82
C GLY D 77 -31.12 18.23 -7.32
N GLY D 78 -32.03 17.94 -6.39
CA GLY D 78 -33.45 17.74 -6.72
C GLY D 78 -34.13 19.02 -7.18
N ASP D 79 -33.47 20.15 -6.94
CA ASP D 79 -33.88 21.44 -7.50
C ASP D 79 -33.65 21.50 -9.03
N GLY D 80 -33.02 20.47 -9.59
CA GLY D 80 -32.68 20.43 -11.02
C GLY D 80 -31.44 21.24 -11.42
N ASN D 81 -30.67 21.68 -10.43
CA ASN D 81 -29.45 22.47 -10.65
C ASN D 81 -28.18 21.59 -10.73
N ILE D 82 -27.18 22.08 -11.46
CA ILE D 82 -25.86 21.47 -11.54
C ILE D 82 -24.95 22.26 -10.61
N TYR D 83 -24.29 21.56 -9.69
CA TYR D 83 -23.31 22.16 -8.80
C TYR D 83 -21.89 21.70 -9.19
N GLU D 84 -20.99 22.66 -9.37
CA GLU D 84 -19.59 22.36 -9.61
C GLU D 84 -18.90 21.81 -8.35
N GLY D 85 -18.33 20.63 -8.47
CA GLY D 85 -17.50 20.06 -7.40
C GLY D 85 -16.05 20.25 -7.81
N CYS D 86 -15.35 19.14 -8.06
CA CYS D 86 -14.00 19.18 -8.65
C CYS D 86 -13.94 19.89 -10.00
N GLY D 87 -15.01 19.74 -10.79
CA GLY D 87 -15.15 20.44 -12.07
C GLY D 87 -14.61 19.68 -13.26
N TRP D 88 -14.60 20.36 -14.41
CA TRP D 88 -14.13 19.80 -15.69
C TRP D 88 -12.65 19.43 -15.70
N ASN D 89 -11.84 20.20 -15.01
CA ASN D 89 -10.40 20.25 -15.30
C ASN D 89 -9.46 19.56 -14.32
N HIS D 90 -9.99 19.13 -13.17
CA HIS D 90 -9.15 18.58 -12.09
C HIS D 90 -9.57 17.20 -11.66
N GLU D 91 -8.57 16.38 -11.33
CA GLU D 91 -8.77 15.00 -10.93
C GLU D 91 -9.53 14.95 -9.61
N GLY D 92 -10.58 14.13 -9.59
CA GLY D 92 -11.47 14.00 -8.46
C GLY D 92 -11.08 12.83 -7.60
N ALA D 93 -11.99 12.44 -6.73
CA ALA D 93 -11.79 11.29 -5.83
C ALA D 93 -13.11 10.56 -5.70
N HIS D 94 -13.53 9.91 -6.77
CA HIS D 94 -14.87 9.32 -6.82
C HIS D 94 -14.86 7.86 -7.25
N THR D 95 -13.88 7.45 -8.07
CA THR D 95 -13.94 6.14 -8.71
C THR D 95 -12.56 5.55 -8.92
N TYR D 96 -12.21 4.60 -8.06
CA TYR D 96 -10.92 3.91 -8.08
C TYR D 96 -10.62 3.37 -9.48
N GLY D 97 -9.42 3.68 -9.98
CA GLY D 97 -8.96 3.25 -11.29
C GLY D 97 -9.40 4.15 -12.44
N TYR D 98 -10.21 5.17 -12.14
CA TYR D 98 -10.83 6.02 -13.19
C TYR D 98 -10.72 7.51 -12.93
N ASN D 99 -10.14 7.89 -11.80
CA ASN D 99 -10.09 9.31 -11.41
C ASN D 99 -9.34 10.22 -12.39
N LYS D 100 -8.33 9.67 -13.09
CA LYS D 100 -7.57 10.45 -14.07
C LYS D 100 -8.18 10.44 -15.48
N LYS D 101 -9.16 9.56 -15.70
CA LYS D 101 -9.71 9.38 -17.03
C LYS D 101 -11.24 9.50 -17.08
N SER D 102 -11.80 10.24 -16.11
CA SER D 102 -13.24 10.41 -16.02
C SER D 102 -13.66 11.67 -15.26
N ILE D 103 -14.90 12.04 -15.50
CA ILE D 103 -15.63 13.03 -14.74
C ILE D 103 -16.69 12.22 -13.97
N SER D 104 -17.00 12.59 -12.73
CA SER D 104 -18.16 11.99 -12.06
C SER D 104 -19.34 12.95 -11.94
N ILE D 105 -20.54 12.43 -12.16
CA ILE D 105 -21.76 13.20 -11.90
C ILE D 105 -22.49 12.50 -10.78
N ALA D 106 -22.66 13.19 -9.65
CA ALA D 106 -23.27 12.58 -8.45
C ALA D 106 -24.65 13.13 -8.21
N PHE D 107 -25.65 12.24 -8.22
CA PHE D 107 -27.02 12.63 -7.94
C PHE D 107 -27.15 12.65 -6.43
N ILE D 108 -27.61 13.79 -5.91
CA ILE D 108 -27.78 13.96 -4.47
C ILE D 108 -28.97 13.17 -3.96
N GLY D 109 -28.71 12.14 -3.16
CA GLY D 109 -29.75 11.24 -2.72
C GLY D 109 -29.28 9.80 -2.64
N ASN D 110 -30.23 8.92 -2.36
CA ASN D 110 -30.02 7.48 -2.40
C ASN D 110 -31.04 6.97 -3.39
N PHE D 111 -30.57 6.48 -4.53
CA PHE D 111 -31.46 6.03 -5.61
C PHE D 111 -31.48 4.52 -5.80
N GLN D 112 -31.19 3.78 -4.73
CA GLN D 112 -31.34 2.33 -4.71
C GLN D 112 -32.80 1.86 -4.84
N ASN D 113 -33.72 2.49 -4.09
CA ASN D 113 -35.13 2.06 -4.03
C ASN D 113 -36.14 3.13 -4.47
N LYS D 114 -35.63 4.23 -5.03
CA LYS D 114 -36.47 5.26 -5.62
C LYS D 114 -35.74 5.84 -6.83
N SER D 115 -36.49 6.14 -7.87
CA SER D 115 -35.88 6.72 -9.07
C SER D 115 -35.65 8.22 -8.86
N ALA D 116 -34.72 8.78 -9.64
CA ALA D 116 -34.47 10.21 -9.59
C ALA D 116 -35.52 10.85 -10.47
N SER D 117 -35.90 12.06 -10.11
CA SER D 117 -36.87 12.85 -10.88
C SER D 117 -36.35 13.16 -12.27
N ASN D 118 -37.28 13.36 -13.21
CA ASN D 118 -36.92 13.72 -14.59
C ASN D 118 -36.07 14.97 -14.67
N LYS D 119 -36.35 15.92 -13.78
CA LYS D 119 -35.61 17.17 -13.65
C LYS D 119 -34.11 16.91 -13.35
N MET D 120 -33.83 15.89 -12.53
CA MET D 120 -32.45 15.49 -12.23
C MET D 120 -31.75 14.82 -13.42
N LEU D 121 -32.41 13.83 -14.01
CA LEU D 121 -31.86 13.12 -15.18
C LEU D 121 -31.51 14.05 -16.35
N ASN D 122 -32.46 14.93 -16.68
CA ASN D 122 -32.28 15.93 -17.75
C ASN D 122 -31.12 16.88 -17.50
N ALA D 123 -31.00 17.36 -16.25
CA ALA D 123 -29.86 18.19 -15.85
C ALA D 123 -28.51 17.47 -16.07
N ALA D 124 -28.43 16.21 -15.64
CA ALA D 124 -27.23 15.40 -15.85
C ALA D 124 -26.94 15.16 -17.32
N HIS D 125 -27.99 14.85 -18.09
CA HIS D 125 -27.78 14.55 -19.51
C HIS D 125 -27.26 15.76 -20.27
N LYS D 126 -27.81 16.94 -19.96
CA LYS D 126 -27.39 18.21 -20.56
C LYS D 126 -25.96 18.60 -20.20
N LEU D 127 -25.51 18.16 -19.02
CA LEU D 127 -24.14 18.39 -18.59
C LEU D 127 -23.18 17.60 -19.48
N ILE D 128 -23.53 16.36 -19.75
CA ILE D 128 -22.74 15.48 -20.64
C ILE D 128 -22.64 16.05 -22.06
N LEU D 129 -23.79 16.41 -22.64
CA LEU D 129 -23.81 17.00 -24.00
C LEU D 129 -22.95 18.25 -24.10
N CYS D 130 -23.06 19.10 -23.07
CA CYS D 130 -22.23 20.29 -22.92
C CYS D 130 -20.74 19.97 -22.91
N GLY D 131 -20.34 18.93 -22.17
CA GLY D 131 -18.95 18.47 -22.10
C GLY D 131 -18.43 17.95 -23.42
N LYS D 132 -19.28 17.25 -24.18
CA LYS D 132 -18.95 16.80 -25.54
C LYS D 132 -18.82 17.97 -26.50
N SER D 133 -19.75 18.93 -26.35
CA SER D 133 -19.83 20.13 -27.20
C SER D 133 -18.56 20.99 -27.13
N LYS D 134 -18.04 21.14 -25.91
CA LYS D 134 -16.81 21.90 -25.64
C LYS D 134 -15.53 21.13 -25.95
N GLY D 135 -15.66 19.83 -26.23
CA GLY D 135 -14.48 18.98 -26.48
C GLY D 135 -13.76 18.53 -25.22
N ILE D 136 -14.31 18.86 -24.05
CA ILE D 136 -13.79 18.40 -22.75
C ILE D 136 -13.91 16.88 -22.70
N LEU D 137 -15.10 16.39 -23.07
CA LEU D 137 -15.36 14.97 -23.19
C LEU D 137 -15.15 14.53 -24.62
N ARG D 138 -14.65 13.31 -24.77
CA ARG D 138 -14.49 12.69 -26.10
C ARG D 138 -15.81 12.65 -26.87
N GLU D 139 -15.71 12.64 -28.19
CA GLU D 139 -16.86 12.51 -29.06
C GLU D 139 -17.58 11.18 -28.81
N ASP D 140 -16.79 10.13 -28.54
CA ASP D 140 -17.35 8.82 -28.20
C ASP D 140 -17.32 8.56 -26.68
N VAL D 141 -17.54 9.60 -25.87
CA VAL D 141 -17.48 9.48 -24.39
C VAL D 141 -18.42 8.36 -23.93
N ARG D 142 -17.94 7.54 -22.99
CA ARG D 142 -18.69 6.38 -22.50
C ARG D 142 -19.26 6.70 -21.11
N VAL D 143 -20.59 6.58 -20.98
CA VAL D 143 -21.26 6.87 -19.72
C VAL D 143 -21.56 5.55 -19.03
N ILE D 144 -21.12 5.45 -17.79
CA ILE D 144 -21.26 4.25 -16.98
C ILE D 144 -21.69 4.60 -15.56
N GLY D 145 -22.36 3.65 -14.90
CA GLY D 145 -22.63 3.76 -13.46
C GLY D 145 -21.37 3.32 -12.73
N GLY D 146 -21.14 3.88 -11.54
CA GLY D 146 -20.03 3.45 -10.70
C GLY D 146 -19.91 1.93 -10.58
N LYS D 147 -21.07 1.25 -10.48
CA LYS D 147 -21.15 -0.19 -10.24
C LYS D 147 -20.63 -1.08 -11.38
N GLN D 148 -20.35 -0.47 -12.53
CA GLN D 148 -19.80 -1.21 -13.66
C GLN D 148 -18.28 -1.33 -13.58
N VAL D 149 -17.66 -0.43 -12.82
CA VAL D 149 -16.20 -0.36 -12.77
C VAL D 149 -15.54 -0.53 -11.39
N ILE D 150 -16.30 -0.30 -10.31
CA ILE D 150 -15.80 -0.53 -8.94
C ILE D 150 -16.78 -1.40 -8.14
N ALA D 151 -16.33 -1.92 -6.99
CA ALA D 151 -17.20 -2.67 -6.06
C ALA D 151 -18.14 -1.72 -5.30
N THR D 152 -19.31 -1.45 -5.89
CA THR D 152 -20.29 -0.50 -5.31
C THR D 152 -21.68 -0.80 -5.83
N LEU D 153 -22.72 -0.28 -5.18
CA LEU D 153 -24.07 -0.28 -5.76
C LEU D 153 -24.45 1.08 -6.40
N SER D 154 -23.59 2.08 -6.19
CA SER D 154 -23.74 3.39 -6.80
C SER D 154 -23.87 3.22 -8.33
N PRO D 155 -24.80 3.95 -9.00
CA PRO D 155 -25.64 5.05 -8.49
C PRO D 155 -27.01 4.67 -7.88
N GLY D 156 -27.16 3.43 -7.42
CA GLY D 156 -28.45 2.97 -6.92
C GLY D 156 -29.20 2.29 -8.05
N PHE D 157 -29.83 1.16 -7.73
CA PHE D 157 -30.49 0.34 -8.75
C PHE D 157 -31.43 1.14 -9.67
N GLU D 158 -32.31 1.93 -9.06
CA GLU D 158 -33.37 2.63 -9.82
C GLU D 158 -32.79 3.70 -10.76
N LEU D 159 -31.80 4.45 -10.27
CA LEU D 159 -31.10 5.40 -11.12
C LEU D 159 -30.27 4.71 -12.20
N TYR D 160 -29.62 3.61 -11.84
CA TYR D 160 -28.86 2.84 -12.81
C TYR D 160 -29.74 2.42 -14.01
N LYS D 161 -30.98 2.03 -13.72
CA LYS D 161 -31.96 1.68 -14.74
C LYS D 161 -32.27 2.86 -15.64
N GLN D 162 -32.46 4.03 -15.02
CA GLN D 162 -32.79 5.27 -15.75
C GLN D 162 -31.72 5.71 -16.73
N ILE D 163 -30.45 5.64 -16.30
CA ILE D 163 -29.33 6.09 -17.16
C ILE D 163 -29.12 5.21 -18.41
N GLN D 164 -29.64 3.97 -18.35
CA GLN D 164 -29.59 3.04 -19.49
C GLN D 164 -30.39 3.47 -20.72
N ASN D 165 -31.31 4.42 -20.55
CA ASN D 165 -32.06 5.03 -21.65
C ASN D 165 -31.27 6.12 -22.39
N TRP D 166 -30.13 6.52 -21.83
CA TRP D 166 -29.23 7.46 -22.49
C TRP D 166 -28.46 6.75 -23.60
N PRO D 167 -28.38 7.37 -24.81
CA PRO D 167 -27.61 6.80 -25.92
C PRO D 167 -26.12 6.59 -25.61
N GLU D 168 -25.57 7.41 -24.70
CA GLU D 168 -24.13 7.40 -24.38
C GLU D 168 -23.74 6.33 -23.35
N TRP D 169 -24.74 5.79 -22.65
CA TRP D 169 -24.54 4.67 -21.74
C TRP D 169 -24.06 3.43 -22.48
N VAL D 170 -23.05 2.78 -21.91
CA VAL D 170 -22.53 1.52 -22.44
C VAL D 170 -22.67 0.44 -21.38
N SER D 171 -22.97 -0.77 -21.85
CA SER D 171 -23.09 -1.95 -21.00
C SER D 171 -21.74 -2.47 -20.52
N THR D 172 -20.71 -2.35 -21.38
CA THR D 172 -19.34 -2.71 -21.02
C THR D 172 -18.44 -1.46 -21.15
N PRO D 173 -17.72 -1.09 -20.06
CA PRO D 173 -16.87 0.11 -20.06
C PRO D 173 -15.72 0.01 -21.05
S SO4 E . -7.81 5.89 6.80
O1 SO4 E . -8.54 5.20 7.89
O2 SO4 E . -8.76 6.62 5.94
O3 SO4 E . -6.86 6.83 7.42
O4 SO4 E . -7.06 4.93 5.94
S SO4 F . 6.54 -14.27 30.63
O1 SO4 F . 5.22 -14.07 31.28
O2 SO4 F . 6.41 -15.32 29.57
O3 SO4 F . 6.96 -12.99 30.05
O4 SO4 F . 7.54 -14.73 31.63
S SO4 G . 28.05 14.82 -3.59
O1 SO4 G . 26.98 15.09 -2.61
O2 SO4 G . 28.08 13.36 -3.88
O3 SO4 G . 27.75 15.60 -4.82
O4 SO4 G . 29.36 15.23 -3.03
S SO4 H . -7.19 6.35 -9.14
O1 SO4 H . -7.36 5.06 -8.44
O2 SO4 H . -8.17 6.46 -10.24
O3 SO4 H . -7.39 7.47 -8.17
O4 SO4 H . -5.83 6.43 -9.73
#